data_4DYN
#
_entry.id   4DYN
#
_cell.length_a   145.610
_cell.length_b   145.610
_cell.length_c   145.610
_cell.angle_alpha   90.000
_cell.angle_beta   90.000
_cell.angle_gamma   90.000
#
_symmetry.space_group_name_H-M   'P 21 3'
#
loop_
_entity.id
_entity.type
_entity.pdbx_description
1 polymer 'Nucleocapsid protein'
2 non-polymer N-[4-chloranyl-5-[4-[[3-(2-methoxyphenyl)-5-methyl-1,2-oxazol-4-yl]carbonyl]piperazin-1-yl]-2-nitro-phenyl]pyridine-2-carboxamide
3 water water
#
_entity_poly.entity_id   1
_entity_poly.type   'polypeptide(L)'
_entity_poly.pdbx_seq_one_letter_code
;RSYEQMETDGERQNATEIRASVGKMIDGIGRFYIQMCTELKLSDYEGRLIQNSLTIERMVLSAFDERRNKYLEEHPSAGK
DPKKTGGPIYRRVDGKWRRELILYDKEEIRRIWRQANNGDDATAGLTHMMIWHSNLNDATYQRTRALVRTGMDPRMCSLM
QGSTLPRRSGAAGAAVKGVGTMVMELIRMIKRGINDRNFWRGENGRRTRIAYERMCNILKGKFQTAAQRTMVDQVRESRN
PGNAEFEDLIFLARSALILRGSVAHKSCLPACVYGSAVASGYDFEREGYSLVGIDPFRLLQNSQVYSLIRPNENPAHKSQ
LVWMACHSAAFEDLRVSSFIRGTKVVPRGKLSTRGVQIASNENMETMESSTLELRSRYWAIRTRSGGNTNQQRASSGQIS
IQPTFSVQRNLPFDRPTIMAAFTGNTEGRTSDMRTEIIRLMESARPEDVSFQGRGVFELSDEKATSPIVPSFDMSNEGSY
FFGDNAEEYDNLEHHHHHH
;
_entity_poly.pdbx_strand_id   A,B
#
# COMPACT_ATOMS: atom_id res chain seq x y z
N ARG A 12 16.45 29.01 -3.56
CA ARG A 12 17.00 27.82 -4.29
C ARG A 12 18.22 27.24 -3.56
N GLN A 13 19.19 28.10 -3.25
CA GLN A 13 20.40 27.70 -2.54
C GLN A 13 20.12 27.58 -1.05
N ASN A 14 19.22 28.42 -0.55
CA ASN A 14 18.78 28.38 0.84
C ASN A 14 17.96 27.11 1.13
N ALA A 15 17.17 26.69 0.13
CA ALA A 15 16.38 25.46 0.23
C ALA A 15 17.27 24.21 0.22
N THR A 16 18.29 24.23 -0.65
CA THR A 16 19.28 23.16 -0.75
C THR A 16 20.03 22.97 0.58
N GLU A 17 20.34 24.10 1.24
CA GLU A 17 21.03 24.11 2.52
C GLU A 17 20.16 23.55 3.65
N ILE A 18 18.88 23.93 3.66
CA ILE A 18 17.92 23.43 4.64
C ILE A 18 17.70 21.93 4.46
N ARG A 19 17.55 21.50 3.20
CA ARG A 19 17.33 20.10 2.85
C ARG A 19 18.51 19.22 3.27
N ALA A 20 19.71 19.79 3.21
CA ALA A 20 20.94 19.12 3.63
C ALA A 20 20.95 18.79 5.12
N SER A 21 20.65 19.80 5.96
CA SER A 21 20.65 19.63 7.41
C SER A 21 19.51 18.73 7.89
N VAL A 22 18.34 18.89 7.28
CA VAL A 22 17.17 18.04 7.57
C VAL A 22 17.46 16.60 7.16
N GLY A 23 18.07 16.44 5.98
CA GLY A 23 18.47 15.13 5.48
C GLY A 23 19.50 14.43 6.36
N LYS A 24 20.42 15.21 6.94
CA LYS A 24 21.38 14.69 7.91
C LYS A 24 20.68 14.22 9.18
N MET A 25 19.73 15.02 9.67
CA MET A 25 18.93 14.69 10.86
C MET A 25 18.16 13.39 10.69
N ILE A 26 17.46 13.26 9.56
CA ILE A 26 16.66 12.07 9.25
C ILE A 26 17.52 10.82 9.10
N ASP A 27 18.71 10.99 8.51
CA ASP A 27 19.66 9.90 8.34
C ASP A 27 20.12 9.34 9.69
N GLY A 28 20.40 10.24 10.63
CA GLY A 28 20.79 9.88 11.99
C GLY A 28 19.74 9.09 12.74
N ILE A 29 18.48 9.54 12.65
CA ILE A 29 17.36 8.82 13.26
C ILE A 29 17.22 7.42 12.66
N GLY A 30 17.34 7.35 11.34
CA GLY A 30 17.31 6.08 10.60
C GLY A 30 18.37 5.08 11.02
N ARG A 31 19.62 5.53 11.07
CA ARG A 31 20.74 4.67 11.48
C ARG A 31 20.64 4.23 12.94
N PHE A 32 20.17 5.14 13.80
CA PHE A 32 19.92 4.83 15.21
C PHE A 32 18.88 3.72 15.35
N TYR A 33 17.80 3.81 14.58
CA TYR A 33 16.71 2.84 14.65
C TYR A 33 17.11 1.48 14.11
N ILE A 34 17.90 1.46 13.03
CA ILE A 34 18.46 0.22 12.48
C ILE A 34 19.33 -0.48 13.54
N GLN A 35 20.17 0.31 14.20
CA GLN A 35 21.06 -0.20 15.24
C GLN A 35 20.28 -0.84 16.39
N MET A 36 19.24 -0.15 16.85
CA MET A 36 18.38 -0.64 17.94
C MET A 36 17.63 -1.92 17.57
N CYS A 37 17.22 -2.02 16.30
CA CYS A 37 16.55 -3.21 15.79
C CYS A 37 17.47 -4.43 15.76
N THR A 38 18.74 -4.21 15.44
CA THR A 38 19.74 -5.29 15.43
C THR A 38 20.11 -5.70 16.86
N GLU A 39 20.28 -4.71 17.75
CA GLU A 39 20.52 -4.95 19.17
C GLU A 39 19.44 -5.83 19.77
N LEU A 40 18.19 -5.52 19.45
CA LEU A 40 17.02 -6.22 19.99
C LEU A 40 16.68 -7.50 19.23
N LYS A 41 17.37 -7.72 18.11
CA LYS A 41 17.15 -8.88 17.24
C LYS A 41 15.71 -8.97 16.72
N LEU A 42 15.13 -7.81 16.42
CA LEU A 42 13.79 -7.76 15.83
C LEU A 42 13.86 -8.09 14.35
N SER A 43 12.85 -8.79 13.86
CA SER A 43 12.70 -8.99 12.41
C SER A 43 12.29 -7.67 11.76
N ASP A 44 12.47 -7.58 10.44
CA ASP A 44 12.11 -6.38 9.71
C ASP A 44 10.64 -5.98 9.92
N TYR A 45 9.73 -6.96 9.86
CA TYR A 45 8.31 -6.72 10.13
C TYR A 45 8.08 -6.17 11.55
N GLU A 46 8.73 -6.80 12.52
CA GLU A 46 8.63 -6.41 13.93
C GLU A 46 9.21 -5.02 14.18
N GLY A 47 10.32 -4.72 13.50
CA GLY A 47 10.91 -3.38 13.52
C GLY A 47 9.99 -2.32 12.95
N ARG A 48 9.11 -2.71 12.04
CA ARG A 48 8.16 -1.79 11.41
C ARG A 48 6.76 -1.81 12.06
N LEU A 49 6.66 -2.47 13.20
CA LEU A 49 5.48 -2.35 14.06
C LEU A 49 5.62 -1.02 14.81
N ILE A 50 4.58 -0.20 14.74
CA ILE A 50 4.64 1.17 15.28
C ILE A 50 4.79 1.22 16.81
N GLN A 51 4.26 0.20 17.50
CA GLN A 51 4.38 0.10 18.96
C GLN A 51 5.82 -0.14 19.40
N ASN A 52 6.57 -0.90 18.60
CA ASN A 52 8.00 -1.09 18.85
C ASN A 52 8.78 0.18 18.59
N SER A 53 8.38 0.91 17.54
CA SER A 53 9.00 2.18 17.19
C SER A 53 8.81 3.22 18.28
N LEU A 54 7.60 3.30 18.84
CA LEU A 54 7.30 4.24 19.92
C LEU A 54 8.08 3.96 21.20
N THR A 55 8.33 2.68 21.50
CA THR A 55 9.12 2.28 22.67
C THR A 55 10.59 2.69 22.50
N ILE A 56 11.14 2.42 21.31
CA ILE A 56 12.53 2.77 21.00
C ILE A 56 12.74 4.28 20.97
N GLU A 57 11.78 5.01 20.41
CA GLU A 57 11.77 6.48 20.41
C GLU A 57 11.72 7.03 21.83
N ARG A 58 10.87 6.43 22.67
CA ARG A 58 10.72 6.84 24.06
C ARG A 58 12.01 6.62 24.86
N MET A 59 12.71 5.52 24.56
CA MET A 59 13.93 5.15 25.28
C MET A 59 15.08 6.14 25.07
N VAL A 60 15.26 6.60 23.83
CA VAL A 60 16.31 7.57 23.53
C VAL A 60 15.95 8.97 24.04
N LEU A 61 14.66 9.28 24.06
CA LEU A 61 14.20 10.56 24.61
C LEU A 61 14.35 10.57 26.13
N SER A 62 14.01 9.45 26.77
CA SER A 62 14.15 9.31 28.22
C SER A 62 15.61 9.34 28.65
N ALA A 63 16.49 8.74 27.84
CA ALA A 63 17.93 8.71 28.12
C ALA A 63 18.57 10.10 28.14
N PHE A 64 17.96 11.05 27.42
CA PHE A 64 18.45 12.42 27.34
C PHE A 64 17.59 13.42 28.14
N ASP A 65 16.28 13.20 28.17
CA ASP A 65 15.33 14.13 28.79
C ASP A 65 14.94 13.70 30.21
N PRO A 82 16.48 2.16 38.14
CA PRO A 82 17.57 3.08 38.47
C PRO A 82 17.87 4.04 37.32
N LYS A 83 19.13 4.06 36.88
CA LYS A 83 19.56 4.87 35.75
C LYS A 83 19.34 4.12 34.43
N LYS A 84 18.20 3.44 34.34
CA LYS A 84 17.83 2.67 33.16
C LYS A 84 16.55 3.19 32.53
N THR A 85 16.37 2.88 31.25
CA THR A 85 15.14 3.19 30.53
C THR A 85 14.67 1.96 29.75
N GLY A 86 13.37 1.88 29.51
CA GLY A 86 12.81 0.75 28.78
C GLY A 86 11.34 0.90 28.45
N GLY A 87 10.73 -0.22 28.06
CA GLY A 87 9.32 -0.26 27.69
C GLY A 87 8.97 -1.57 27.03
N PRO A 88 7.70 -1.75 26.63
CA PRO A 88 7.27 -3.00 26.00
C PRO A 88 7.77 -3.17 24.57
N ILE A 89 8.34 -4.34 24.29
CA ILE A 89 8.76 -4.73 22.95
C ILE A 89 7.96 -5.97 22.53
N TYR A 90 7.38 -5.92 21.34
CA TYR A 90 6.45 -6.92 20.88
C TYR A 90 7.04 -7.80 19.77
N ARG A 91 6.99 -9.11 19.99
CA ARG A 91 7.54 -10.09 19.06
C ARG A 91 6.48 -11.11 18.64
N ARG A 92 6.60 -11.58 17.40
CA ARG A 92 5.76 -12.66 16.90
C ARG A 92 6.42 -13.99 17.24
N VAL A 93 5.88 -14.69 18.24
CA VAL A 93 6.44 -15.96 18.70
C VAL A 93 5.41 -17.07 18.75
N ASP A 94 5.68 -18.17 18.03
CA ASP A 94 4.81 -19.33 17.91
C ASP A 94 3.36 -19.01 17.46
N GLY A 95 3.23 -18.09 16.51
CA GLY A 95 1.93 -17.72 15.96
C GLY A 95 1.13 -16.73 16.79
N LYS A 96 1.74 -16.24 17.87
CA LYS A 96 1.08 -15.29 18.76
C LYS A 96 1.94 -14.05 18.98
N TRP A 97 1.30 -12.94 19.33
CA TRP A 97 2.02 -11.71 19.69
C TRP A 97 2.34 -11.70 21.19
N ARG A 98 3.62 -11.52 21.49
CA ARG A 98 4.10 -11.54 22.87
C ARG A 98 4.70 -10.20 23.27
N ARG A 99 4.44 -9.80 24.51
CA ARG A 99 4.98 -8.57 25.08
C ARG A 99 6.10 -8.90 26.06
N GLU A 100 7.20 -8.16 25.95
CA GLU A 100 8.32 -8.30 26.86
C GLU A 100 8.84 -6.93 27.26
N LEU A 101 9.03 -6.73 28.56
CA LEU A 101 9.60 -5.49 29.08
C LEU A 101 11.12 -5.59 29.07
N ILE A 102 11.75 -4.76 28.23
CA ILE A 102 13.21 -4.71 28.16
C ILE A 102 13.75 -3.48 28.89
N LEU A 103 14.97 -3.60 29.40
CA LEU A 103 15.62 -2.49 30.09
C LEU A 103 17.02 -2.26 29.54
N TYR A 104 17.33 -1.00 29.26
CA TYR A 104 18.63 -0.58 28.76
C TYR A 104 19.25 0.46 29.67
N ASP A 105 20.58 0.44 29.79
CA ASP A 105 21.30 1.50 30.47
C ASP A 105 21.16 2.80 29.66
N LYS A 106 20.76 3.86 30.33
CA LYS A 106 20.55 5.17 29.69
C LYS A 106 21.81 5.68 29.00
N GLU A 107 22.97 5.36 29.57
CA GLU A 107 24.27 5.77 29.01
C GLU A 107 24.57 5.03 27.70
N GLU A 108 24.18 3.76 27.62
CA GLU A 108 24.36 2.95 26.42
C GLU A 108 23.52 3.48 25.26
N ILE A 109 22.28 3.86 25.55
CA ILE A 109 21.38 4.43 24.55
C ILE A 109 21.90 5.77 24.03
N ARG A 110 22.38 6.60 24.95
CA ARG A 110 22.99 7.89 24.59
C ARG A 110 24.19 7.74 23.65
N ARG A 111 25.00 6.71 23.89
CA ARG A 111 26.16 6.41 23.05
C ARG A 111 25.73 5.94 21.66
N ILE A 112 24.67 5.14 21.60
CA ILE A 112 24.13 4.63 20.33
C ILE A 112 23.54 5.76 19.48
N TRP A 113 22.86 6.71 20.13
CA TRP A 113 22.29 7.87 19.45
C TRP A 113 23.38 8.80 18.91
N ARG A 114 24.33 9.17 19.78
CA ARG A 114 25.42 10.07 19.43
C ARG A 114 26.25 9.55 18.25
N GLN A 115 26.54 8.25 18.27
CA GLN A 115 27.40 7.63 17.26
C GLN A 115 26.69 7.36 15.95
N ALA A 116 25.36 7.23 16.00
CA ALA A 116 24.54 7.15 14.79
C ALA A 116 24.48 8.51 14.11
N ASN A 117 24.69 9.56 14.92
CA ASN A 117 24.71 10.95 14.43
C ASN A 117 26.13 11.51 14.34
N ASN A 118 27.09 10.63 14.07
CA ASN A 118 28.50 10.99 13.86
C ASN A 118 29.12 11.80 14.99
N GLY A 119 28.97 11.31 16.22
CA GLY A 119 29.60 11.91 17.39
C GLY A 119 28.82 13.00 18.11
N ASP A 120 28.01 13.74 17.35
CA ASP A 120 27.25 14.88 17.89
C ASP A 120 26.04 14.46 18.71
N ASP A 121 25.61 15.34 19.61
CA ASP A 121 24.41 15.15 20.43
C ASP A 121 23.14 15.06 19.58
N ALA A 122 23.15 15.77 18.44
CA ALA A 122 22.02 15.86 17.53
C ALA A 122 20.69 15.99 18.27
N THR A 123 20.51 17.16 18.89
CA THR A 123 19.29 17.46 19.63
C THR A 123 18.09 17.64 18.69
N ALA A 124 18.36 17.98 17.43
CA ALA A 124 17.32 18.21 16.43
C ALA A 124 16.54 16.93 16.12
N GLY A 125 17.26 15.82 15.99
CA GLY A 125 16.64 14.52 15.75
C GLY A 125 15.76 14.07 16.90
N LEU A 126 16.18 14.40 18.12
CA LEU A 126 15.41 14.12 19.34
C LEU A 126 14.12 14.93 19.36
N THR A 127 14.24 16.22 19.03
CA THR A 127 13.10 17.12 18.99
C THR A 127 12.12 16.72 17.87
N HIS A 128 12.66 16.24 16.75
CA HIS A 128 11.86 15.72 15.65
C HIS A 128 10.97 14.54 16.08
N MET A 129 11.54 13.63 16.87
CA MET A 129 10.78 12.48 17.39
C MET A 129 9.77 12.91 18.45
N MET A 130 10.08 13.97 19.17
CA MET A 130 9.18 14.56 20.16
C MET A 130 7.95 15.20 19.49
N ILE A 131 8.18 15.85 18.35
CA ILE A 131 7.10 16.49 17.59
C ILE A 131 6.17 15.43 16.98
N TRP A 132 6.74 14.33 16.49
CA TRP A 132 5.96 13.18 16.01
C TRP A 132 5.06 12.64 17.14
N HIS A 133 5.64 12.48 18.33
CA HIS A 133 4.90 12.05 19.52
C HIS A 133 3.81 13.06 19.86
N SER A 134 4.16 14.34 19.78
CA SER A 134 3.22 15.43 20.02
C SER A 134 2.06 15.44 19.02
N ASN A 135 2.39 15.26 17.74
CA ASN A 135 1.39 15.21 16.67
C ASN A 135 0.43 14.02 16.82
N LEU A 136 0.96 12.90 17.33
CA LEU A 136 0.14 11.73 17.64
C LEU A 136 -0.78 11.98 18.82
N ASN A 137 -0.24 12.58 19.89
CA ASN A 137 -1.03 12.92 21.08
C ASN A 137 -2.16 13.89 20.75
N ASP A 138 -1.87 14.86 19.89
CA ASP A 138 -2.86 15.83 19.42
C ASP A 138 -4.00 15.16 18.66
N ALA A 139 -3.69 14.07 17.95
CA ALA A 139 -4.70 13.33 17.19
C ALA A 139 -5.47 12.35 18.07
N THR A 140 -4.82 11.85 19.12
CA THR A 140 -5.39 10.80 19.96
C THR A 140 -6.21 11.34 21.12
N TYR A 141 -5.62 12.25 21.91
CA TYR A 141 -6.23 12.72 23.16
C TYR A 141 -6.62 14.19 23.12
N GLN A 142 -7.71 14.51 23.80
CA GLN A 142 -8.10 15.90 24.04
C GLN A 142 -7.67 16.29 25.44
N ARG A 143 -7.01 17.44 25.57
CA ARG A 143 -6.46 17.89 26.85
C ARG A 143 -7.38 18.89 27.57
N THR A 144 -8.65 18.52 27.70
CA THR A 144 -9.66 19.40 28.30
C THR A 144 -9.46 19.60 29.80
N ARG A 145 -8.88 18.60 30.47
CA ARG A 145 -8.54 18.70 31.89
C ARG A 145 -7.42 19.72 32.12
N ALA A 146 -6.38 19.68 31.29
CA ALA A 146 -5.29 20.65 31.34
C ALA A 146 -5.79 22.07 31.03
N LEU A 147 -6.76 22.17 30.13
CA LEU A 147 -7.34 23.46 29.74
C LEU A 147 -8.17 24.10 30.85
N VAL A 148 -9.04 23.34 31.49
CA VAL A 148 -9.88 23.86 32.59
C VAL A 148 -9.07 24.23 33.83
N ARG A 149 -7.93 23.54 34.03
CA ARG A 149 -7.03 23.84 35.14
C ARG A 149 -6.34 25.20 34.97
N THR A 150 -6.13 25.61 33.73
CA THR A 150 -5.44 26.87 33.41
C THR A 150 -6.42 28.01 33.16
N GLY A 151 -7.72 27.73 33.33
CA GLY A 151 -8.76 28.73 33.12
C GLY A 151 -9.14 28.94 31.67
N MET A 152 -8.83 27.95 30.83
CA MET A 152 -9.08 28.04 29.39
C MET A 152 -10.32 27.26 28.96
N ASP A 153 -10.95 27.70 27.89
CA ASP A 153 -12.12 27.03 27.31
C ASP A 153 -11.66 25.72 26.65
N PRO A 154 -12.21 24.57 27.09
CA PRO A 154 -11.90 23.27 26.48
C PRO A 154 -12.18 23.18 24.97
N ARG A 155 -12.94 24.13 24.44
CA ARG A 155 -13.25 24.19 23.00
C ARG A 155 -12.12 24.84 22.18
N MET A 156 -11.07 25.28 22.87
CA MET A 156 -9.91 25.90 22.23
C MET A 156 -8.90 24.88 21.74
N CYS A 157 -9.33 23.63 21.56
CA CYS A 157 -8.42 22.53 21.26
C CYS A 157 -7.60 22.73 19.97
N SER A 158 -8.22 23.37 18.98
CA SER A 158 -7.56 23.65 17.69
C SER A 158 -6.34 24.56 17.83
N LEU A 159 -6.19 25.16 19.00
CA LEU A 159 -5.05 26.03 19.31
C LEU A 159 -3.99 25.29 20.12
N MET A 160 -4.23 24.02 20.38
CA MET A 160 -3.40 23.27 21.34
C MET A 160 -2.35 22.35 20.71
N GLN A 161 -1.92 22.66 19.49
CA GLN A 161 -0.83 21.90 18.87
C GLN A 161 0.43 22.01 19.72
N GLY A 162 1.05 20.86 19.97
CA GLY A 162 2.30 20.81 20.73
C GLY A 162 2.15 21.02 22.23
N SER A 163 0.96 20.76 22.77
CA SER A 163 0.70 21.01 24.19
C SER A 163 1.29 19.94 25.11
N THR A 164 1.62 18.78 24.55
CA THR A 164 2.26 17.70 25.31
C THR A 164 3.79 17.76 25.23
N LEU A 165 4.30 18.73 24.47
CA LEU A 165 5.73 19.02 24.41
C LEU A 165 6.17 19.75 25.67
N PRO A 166 7.42 19.50 26.13
CA PRO A 166 7.95 20.26 27.27
C PRO A 166 8.05 21.76 26.99
N ARG A 167 8.03 22.55 28.05
CA ARG A 167 8.11 24.01 27.94
C ARG A 167 9.40 24.43 27.23
N ARG A 168 10.52 23.90 27.70
CA ARG A 168 11.81 24.16 27.10
C ARG A 168 12.08 23.13 26.01
N SER A 169 11.36 23.27 24.91
CA SER A 169 11.55 22.42 23.73
C SER A 169 12.59 23.08 22.84
N GLY A 170 12.72 22.61 21.60
CA GLY A 170 13.68 23.18 20.67
C GLY A 170 13.12 24.36 19.90
N ALA A 171 13.88 24.82 18.90
CA ALA A 171 13.41 25.86 17.99
C ALA A 171 12.27 25.32 17.13
N ALA A 172 12.42 24.07 16.69
CA ALA A 172 11.38 23.36 15.94
C ALA A 172 10.14 23.12 16.78
N GLY A 173 10.35 22.81 18.07
CA GLY A 173 9.26 22.60 19.02
C GLY A 173 8.46 23.87 19.28
N ALA A 174 9.16 24.99 19.42
CA ALA A 174 8.53 26.29 19.62
C ALA A 174 7.71 26.73 18.40
N ALA A 175 8.24 26.48 17.21
CA ALA A 175 7.58 26.85 15.95
C ALA A 175 6.28 26.07 15.73
N VAL A 176 6.28 24.82 16.18
CA VAL A 176 5.17 23.88 16.01
C VAL A 176 4.05 24.10 17.02
N LYS A 177 4.35 24.73 18.15
CA LYS A 177 3.38 24.95 19.21
C LYS A 177 2.29 25.94 18.81
N GLY A 178 1.05 25.63 19.17
CA GLY A 178 -0.09 26.50 18.88
C GLY A 178 -0.14 27.72 19.78
N VAL A 179 -0.98 28.69 19.41
CA VAL A 179 -1.20 29.91 20.20
C VAL A 179 -1.69 29.56 21.62
N GLY A 180 -2.65 28.64 21.70
CA GLY A 180 -3.23 28.21 22.97
C GLY A 180 -2.26 27.48 23.87
N THR A 181 -1.35 26.71 23.25
CA THR A 181 -0.27 26.05 23.97
C THR A 181 0.63 27.09 24.66
N MET A 182 0.96 28.16 23.93
CA MET A 182 1.79 29.24 24.45
C MET A 182 1.09 29.99 25.58
N VAL A 183 -0.19 30.28 25.37
CA VAL A 183 -1.06 30.87 26.39
C VAL A 183 -1.12 29.98 27.65
N MET A 184 -1.33 28.68 27.45
CA MET A 184 -1.37 27.71 28.56
C MET A 184 -0.06 27.69 29.36
N GLU A 185 1.06 27.65 28.67
CA GLU A 185 2.38 27.65 29.29
C GLU A 185 2.66 28.95 30.04
N LEU A 186 2.19 30.07 29.48
CA LEU A 186 2.36 31.39 30.09
C LEU A 186 1.53 31.59 31.36
N ILE A 187 0.32 31.03 31.39
CA ILE A 187 -0.54 31.10 32.58
C ILE A 187 0.03 30.22 33.70
N ARG A 188 0.58 29.07 33.33
CA ARG A 188 1.27 28.18 34.27
C ARG A 188 2.48 28.85 34.92
N MET A 189 3.10 29.78 34.21
CA MET A 189 4.18 30.61 34.74
C MET A 189 3.61 31.61 35.76
N ILE A 190 2.46 32.20 35.43
CA ILE A 190 1.80 33.18 36.30
C ILE A 190 1.29 32.55 37.61
N LYS A 191 0.70 31.35 37.51
CA LYS A 191 0.19 30.62 38.67
C LYS A 191 1.31 30.13 39.58
N GLY A 205 14.36 33.14 39.68
CA GLY A 205 14.09 34.57 39.77
C GLY A 205 14.43 35.30 38.49
N ARG A 206 15.73 35.37 38.20
CA ARG A 206 16.22 36.00 36.97
C ARG A 206 15.95 35.11 35.75
N ARG A 207 16.12 33.80 35.94
CA ARG A 207 15.87 32.83 34.88
C ARG A 207 14.37 32.65 34.59
N THR A 208 13.54 32.96 35.58
CA THR A 208 12.08 32.89 35.42
C THR A 208 11.56 34.05 34.57
N ARG A 209 12.20 35.22 34.71
CA ARG A 209 11.85 36.40 33.92
C ARG A 209 12.26 36.26 32.46
N ILE A 210 13.45 35.70 32.22
CA ILE A 210 13.94 35.46 30.86
C ILE A 210 13.07 34.43 30.13
N ALA A 211 12.67 33.38 30.86
CA ALA A 211 11.79 32.34 30.32
C ALA A 211 10.41 32.89 29.97
N TYR A 212 9.90 33.77 30.84
CA TYR A 212 8.62 34.43 30.65
C TYR A 212 8.64 35.36 29.43
N GLU A 213 9.70 36.13 29.28
CA GLU A 213 9.83 37.09 28.17
C GLU A 213 10.11 36.39 26.84
N ARG A 214 10.83 35.27 26.90
CA ARG A 214 11.11 34.45 25.71
C ARG A 214 9.81 33.86 25.15
N MET A 215 8.99 33.32 26.04
CA MET A 215 7.70 32.71 25.67
C MET A 215 6.67 33.73 25.17
N CYS A 216 6.74 34.95 25.70
CA CYS A 216 5.94 36.06 25.19
C CYS A 216 6.35 36.42 23.77
N ASN A 217 7.65 36.44 23.52
CA ASN A 217 8.20 36.74 22.20
C ASN A 217 7.95 35.62 21.17
N ILE A 218 7.90 34.38 21.64
CA ILE A 218 7.50 33.25 20.80
C ILE A 218 6.05 33.40 20.37
N LEU A 219 5.18 33.71 21.34
CA LEU A 219 3.76 33.93 21.09
C LEU A 219 3.51 35.13 20.18
N LYS A 220 4.22 36.22 20.44
CA LYS A 220 4.13 37.45 19.64
C LYS A 220 4.41 37.21 18.16
N GLY A 221 5.42 36.40 17.87
CA GLY A 221 5.81 36.05 16.50
C GLY A 221 4.78 35.22 15.75
N LYS A 222 3.90 34.55 16.50
CA LYS A 222 2.83 33.75 15.92
C LYS A 222 1.66 34.60 15.46
N PHE A 223 1.41 35.71 16.15
CA PHE A 223 0.30 36.60 15.79
C PHE A 223 0.55 37.37 14.49
N GLN A 224 -0.49 37.48 13.67
CA GLN A 224 -0.38 38.08 12.34
C GLN A 224 -0.93 39.50 12.27
N THR A 225 -1.63 39.94 13.32
CA THR A 225 -2.11 41.32 13.40
C THR A 225 -1.30 42.10 14.43
N ALA A 226 -1.06 43.38 14.13
CA ALA A 226 -0.32 44.27 15.02
C ALA A 226 -1.00 44.43 16.38
N ALA A 227 -2.33 44.52 16.36
CA ALA A 227 -3.14 44.69 17.57
C ALA A 227 -2.96 43.54 18.57
N GLN A 228 -2.86 42.31 18.05
CA GLN A 228 -2.59 41.13 18.87
C GLN A 228 -1.16 41.15 19.41
N ARG A 229 -0.22 41.54 18.55
CA ARG A 229 1.19 41.64 18.92
C ARG A 229 1.43 42.69 20.00
N THR A 230 0.72 43.82 19.89
CA THR A 230 0.82 44.91 20.87
C THR A 230 0.33 44.47 22.25
N MET A 231 -0.74 43.68 22.28
CA MET A 231 -1.27 43.16 23.54
C MET A 231 -0.29 42.19 24.22
N VAL A 232 0.46 41.44 23.42
CA VAL A 232 1.50 40.54 23.93
C VAL A 232 2.66 41.34 24.55
N ASP A 233 2.99 42.48 23.94
CA ASP A 233 3.98 43.41 24.49
C ASP A 233 3.53 43.91 25.86
N GLN A 234 2.25 44.26 25.97
CA GLN A 234 1.64 44.75 27.21
C GLN A 234 1.63 43.68 28.31
N VAL A 235 1.60 42.41 27.92
CA VAL A 235 1.70 41.29 28.85
C VAL A 235 3.17 41.04 29.22
N ARG A 236 4.05 41.17 28.23
CA ARG A 236 5.49 40.96 28.40
C ARG A 236 6.13 42.04 29.28
N GLU A 237 5.65 43.28 29.14
CA GLU A 237 6.22 44.42 29.85
C GLU A 237 5.75 44.52 31.30
N SER A 238 4.89 43.60 31.70
CA SER A 238 4.31 43.59 33.04
C SER A 238 5.30 43.15 34.11
N ARG A 239 5.58 44.05 35.05
CA ARG A 239 6.30 43.70 36.26
C ARG A 239 5.30 43.05 37.21
N ASN A 240 5.64 41.87 37.71
CA ASN A 240 4.74 41.03 38.50
C ASN A 240 3.44 40.70 37.76
N PRO A 241 3.49 39.74 36.81
CA PRO A 241 2.29 39.35 36.06
C PRO A 241 1.28 38.60 36.93
N GLY A 242 -0.01 38.89 36.73
CA GLY A 242 -1.06 38.31 37.55
C GLY A 242 -2.36 38.09 36.80
N ASN A 243 -3.47 38.52 37.40
CA ASN A 243 -4.80 38.31 36.85
C ASN A 243 -5.10 39.10 35.57
N ALA A 244 -4.60 40.34 35.49
CA ALA A 244 -4.75 41.18 34.31
C ALA A 244 -4.05 40.58 33.08
N GLU A 245 -2.93 39.89 33.33
CA GLU A 245 -2.18 39.22 32.27
C GLU A 245 -2.87 37.92 31.87
N PHE A 246 -3.41 37.22 32.87
CA PHE A 246 -4.21 36.02 32.65
C PHE A 246 -5.40 36.31 31.73
N GLU A 247 -6.13 37.39 32.03
CA GLU A 247 -7.30 37.79 31.25
C GLU A 247 -6.94 38.18 29.81
N ASP A 248 -5.81 38.88 29.67
CA ASP A 248 -5.30 39.28 28.36
C ASP A 248 -4.93 38.07 27.49
N LEU A 249 -4.33 37.06 28.12
CA LEU A 249 -3.92 35.84 27.42
C LEU A 249 -5.12 34.98 27.00
N ILE A 250 -6.14 34.90 27.85
CA ILE A 250 -7.40 34.22 27.51
C ILE A 250 -8.10 34.93 26.36
N PHE A 251 -8.09 36.26 26.39
CA PHE A 251 -8.63 37.08 25.31
C PHE A 251 -7.91 36.82 24.00
N LEU A 252 -6.58 36.77 24.06
CA LEU A 252 -5.73 36.53 22.88
C LEU A 252 -5.92 35.13 22.29
N ALA A 253 -6.06 34.13 23.17
CA ALA A 253 -6.32 32.76 22.73
C ALA A 253 -7.64 32.66 21.96
N ARG A 254 -8.68 33.29 22.49
CA ARG A 254 -10.00 33.29 21.86
C ARG A 254 -10.01 34.05 20.54
N SER A 255 -9.21 35.12 20.46
CA SER A 255 -9.05 35.87 19.21
C SER A 255 -8.37 35.03 18.13
N ALA A 256 -7.53 34.08 18.55
CA ALA A 256 -6.79 33.21 17.64
C ALA A 256 -7.65 32.10 17.03
N LEU A 257 -8.89 32.00 17.47
CA LEU A 257 -9.86 31.10 16.87
C LEU A 257 -10.36 31.68 15.55
N ILE A 258 -10.35 33.02 15.45
CA ILE A 258 -10.79 33.75 14.27
C ILE A 258 -9.60 34.40 13.56
N LEU A 259 -8.85 35.23 14.29
CA LEU A 259 -7.62 35.83 13.78
C LEU A 259 -6.47 34.90 14.13
N ARG A 260 -6.37 33.81 13.37
CA ARG A 260 -5.47 32.70 13.67
C ARG A 260 -3.99 33.08 13.59
N GLY A 261 -3.19 32.45 14.44
CA GLY A 261 -1.76 32.69 14.46
C GLY A 261 -0.99 31.80 13.52
N SER A 262 0.26 32.18 13.25
CA SER A 262 1.14 31.43 12.39
C SER A 262 1.81 30.29 13.16
N VAL A 263 1.28 29.08 12.96
CA VAL A 263 1.77 27.88 13.62
C VAL A 263 2.40 26.98 12.55
N ALA A 264 3.60 26.49 12.81
CA ALA A 264 4.29 25.61 11.86
C ALA A 264 3.72 24.19 11.90
N HIS A 265 3.68 23.55 10.73
CA HIS A 265 3.23 22.18 10.63
C HIS A 265 4.30 21.35 9.95
N LYS A 266 4.75 20.31 10.64
CA LYS A 266 5.81 19.46 10.16
C LYS A 266 5.38 18.01 10.14
N SER A 267 5.54 17.36 9.00
CA SER A 267 5.30 15.93 8.87
C SER A 267 6.46 15.18 9.51
N CYS A 268 6.22 14.63 10.69
CA CYS A 268 7.22 13.91 11.44
C CYS A 268 6.73 12.48 11.64
N LEU A 269 7.49 11.53 11.11
CA LEU A 269 7.06 10.14 11.03
C LEU A 269 7.74 9.28 12.10
N PRO A 270 7.14 8.12 12.44
CA PRO A 270 7.82 7.18 13.35
C PRO A 270 9.21 6.82 12.83
N ALA A 271 10.14 6.64 13.76
CA ALA A 271 11.55 6.34 13.43
C ALA A 271 11.73 5.13 12.53
N CYS A 272 10.78 4.19 12.60
CA CYS A 272 10.82 2.98 11.78
C CYS A 272 10.72 3.25 10.29
N VAL A 273 10.05 4.35 9.92
CA VAL A 273 9.93 4.77 8.53
C VAL A 273 11.27 5.26 7.99
N TYR A 274 11.98 6.05 8.80
CA TYR A 274 13.30 6.55 8.43
C TYR A 274 14.34 5.43 8.42
N GLY A 275 14.28 4.57 9.44
CA GLY A 275 15.17 3.41 9.54
C GLY A 275 15.03 2.45 8.38
N SER A 276 13.79 2.11 8.05
CA SER A 276 13.48 1.22 6.91
C SER A 276 13.92 1.81 5.56
N ALA A 277 13.86 3.13 5.42
CA ALA A 277 14.28 3.80 4.19
C ALA A 277 15.81 3.82 4.04
N VAL A 278 16.51 4.16 5.11
CA VAL A 278 17.99 4.12 5.14
C VAL A 278 18.49 2.70 4.85
N ALA A 279 17.89 1.71 5.49
CA ALA A 279 18.27 0.31 5.32
C ALA A 279 18.08 -0.18 3.89
N SER A 280 17.02 0.30 3.25
CA SER A 280 16.65 -0.13 1.90
C SER A 280 17.44 0.56 0.79
N GLY A 281 18.21 1.59 1.16
CA GLY A 281 19.13 2.23 0.23
C GLY A 281 18.83 3.67 -0.10
N TYR A 282 17.97 4.31 0.70
CA TYR A 282 17.71 5.73 0.53
C TYR A 282 18.68 6.55 1.36
N ASP A 283 19.39 7.46 0.68
CA ASP A 283 20.37 8.32 1.34
C ASP A 283 19.79 9.72 1.51
N PHE A 284 19.32 10.02 2.72
CA PHE A 284 18.66 11.29 3.00
C PHE A 284 19.60 12.48 2.93
N GLU A 285 20.90 12.24 3.13
CA GLU A 285 21.90 13.30 3.03
C GLU A 285 22.19 13.71 1.59
N ARG A 286 22.17 12.74 0.68
CA ARG A 286 22.41 12.99 -0.74
C ARG A 286 21.16 13.48 -1.45
N GLU A 287 20.01 12.94 -1.07
CA GLU A 287 18.74 13.35 -1.68
C GLU A 287 18.23 14.65 -1.06
N GLY A 288 18.63 14.90 0.18
CA GLY A 288 18.03 15.96 0.99
C GLY A 288 16.69 15.48 1.53
N TYR A 289 16.08 16.27 2.39
CA TYR A 289 14.75 15.98 2.91
C TYR A 289 14.03 17.26 3.34
N SER A 290 12.71 17.22 3.28
CA SER A 290 11.87 18.35 3.69
C SER A 290 10.72 17.83 4.53
N LEU A 291 10.33 18.62 5.53
CA LEU A 291 9.23 18.26 6.42
C LEU A 291 7.90 18.82 5.93
N VAL A 292 7.98 19.77 5.00
CA VAL A 292 6.81 20.54 4.57
C VAL A 292 6.50 20.40 3.08
N GLY A 293 7.40 19.74 2.34
CA GLY A 293 7.22 19.52 0.91
C GLY A 293 6.67 18.14 0.59
N ILE A 294 7.00 17.64 -0.59
CA ILE A 294 6.52 16.34 -1.08
C ILE A 294 7.15 15.15 -0.37
N ASP A 295 8.38 15.34 0.12
CA ASP A 295 9.22 14.25 0.64
C ASP A 295 8.51 13.25 1.56
N PRO A 296 7.87 13.73 2.66
CA PRO A 296 7.20 12.80 3.58
C PRO A 296 6.04 12.02 2.97
N PHE A 297 5.34 12.63 2.01
CA PHE A 297 4.30 11.93 1.26
C PHE A 297 4.91 10.83 0.39
N ARG A 298 5.99 11.16 -0.32
CA ARG A 298 6.73 10.20 -1.13
C ARG A 298 7.32 9.07 -0.28
N LEU A 299 7.81 9.42 0.90
CA LEU A 299 8.37 8.44 1.84
C LEU A 299 7.30 7.47 2.35
N LEU A 300 6.13 7.99 2.73
CA LEU A 300 5.02 7.14 3.19
C LEU A 300 4.44 6.27 2.07
N GLN A 301 4.53 6.76 0.84
CA GLN A 301 4.10 6.03 -0.35
C GLN A 301 4.99 4.81 -0.61
N ASN A 302 6.22 4.86 -0.11
CA ASN A 302 7.19 3.80 -0.30
C ASN A 302 7.53 3.05 0.99
N SER A 303 6.64 3.15 1.97
CA SER A 303 6.83 2.55 3.28
C SER A 303 5.66 1.64 3.66
N GLN A 304 5.89 0.77 4.65
CA GLN A 304 4.86 -0.12 5.16
C GLN A 304 4.98 -0.27 6.68
N VAL A 305 4.11 0.43 7.41
CA VAL A 305 4.11 0.43 8.86
C VAL A 305 2.97 -0.44 9.39
N TYR A 306 3.23 -1.12 10.50
CA TYR A 306 2.25 -2.04 11.10
C TYR A 306 1.77 -1.55 12.46
N SER A 307 0.61 -2.07 12.88
CA SER A 307 0.06 -1.72 14.18
C SER A 307 -0.64 -2.91 14.83
N LEU A 308 -0.49 -3.02 16.15
CA LEU A 308 -1.28 -3.96 16.95
C LEU A 308 -2.73 -3.48 16.99
N ILE A 309 -3.65 -4.40 16.74
CA ILE A 309 -5.07 -4.08 16.70
C ILE A 309 -5.82 -4.88 17.76
N ARG A 310 -6.54 -4.15 18.62
CA ARG A 310 -7.43 -4.76 19.61
C ARG A 310 -8.65 -5.36 18.91
N PRO A 311 -9.28 -6.39 19.52
CA PRO A 311 -10.53 -6.90 18.96
C PRO A 311 -11.62 -5.83 18.91
N ASN A 312 -12.42 -5.86 17.86
CA ASN A 312 -13.49 -4.86 17.62
C ASN A 312 -13.01 -3.48 17.18
N GLU A 313 -11.71 -3.37 16.86
CA GLU A 313 -11.15 -2.14 16.30
C GLU A 313 -11.07 -2.21 14.78
N ASN A 314 -11.41 -1.11 14.13
CA ASN A 314 -11.26 -0.98 12.69
C ASN A 314 -9.84 -0.53 12.35
N PRO A 315 -9.09 -1.35 11.57
CA PRO A 315 -7.73 -1.00 11.15
C PRO A 315 -7.66 0.28 10.32
N ALA A 316 -8.71 0.55 9.54
CA ALA A 316 -8.78 1.76 8.72
C ALA A 316 -8.87 3.02 9.59
N HIS A 317 -9.52 2.89 10.74
CA HIS A 317 -9.63 3.98 11.72
C HIS A 317 -8.32 4.21 12.48
N LYS A 318 -7.62 3.13 12.80
CA LYS A 318 -6.25 3.18 13.33
C LYS A 318 -5.33 3.87 12.32
N SER A 319 -5.48 3.50 11.05
CA SER A 319 -4.72 4.11 9.95
C SER A 319 -4.98 5.61 9.84
N GLN A 320 -6.25 6.02 9.89
CA GLN A 320 -6.62 7.43 9.81
C GLN A 320 -5.95 8.24 10.92
N LEU A 321 -6.00 7.71 12.14
CA LEU A 321 -5.40 8.34 13.31
C LEU A 321 -3.91 8.60 13.14
N VAL A 322 -3.18 7.60 12.66
CA VAL A 322 -1.73 7.70 12.47
C VAL A 322 -1.37 8.59 11.27
N TRP A 323 -2.20 8.53 10.21
CA TRP A 323 -2.02 9.39 9.04
C TRP A 323 -2.14 10.87 9.40
N MET A 324 -3.18 11.20 10.18
CA MET A 324 -3.39 12.56 10.69
C MET A 324 -2.20 13.04 11.53
N ALA A 325 -1.71 12.15 12.40
CA ALA A 325 -0.55 12.41 13.23
C ALA A 325 0.70 12.65 12.39
N CYS A 326 0.89 11.83 11.37
CA CYS A 326 2.06 11.91 10.49
C CYS A 326 2.18 13.26 9.80
N HIS A 327 1.05 13.86 9.44
CA HIS A 327 1.04 15.13 8.73
C HIS A 327 0.53 16.30 9.58
N SER A 328 0.54 16.12 10.91
CA SER A 328 0.17 17.17 11.87
C SER A 328 -1.22 17.78 11.57
N ALA A 329 -2.18 16.90 11.32
CA ALA A 329 -3.48 17.30 10.75
C ALA A 329 -4.67 17.14 11.69
N ALA A 330 -4.41 16.97 12.98
CA ALA A 330 -5.48 16.79 13.97
C ALA A 330 -6.50 17.94 13.94
N PHE A 331 -6.01 19.17 13.79
CA PHE A 331 -6.85 20.35 13.89
C PHE A 331 -7.19 20.98 12.54
N GLU A 332 -6.89 20.26 11.46
CA GLU A 332 -7.29 20.67 10.12
C GLU A 332 -8.77 20.43 9.88
N ASP A 333 -9.30 21.21 8.94
CA ASP A 333 -10.59 20.97 8.33
C ASP A 333 -10.60 19.53 7.80
N LEU A 334 -11.59 18.74 8.22
CA LEU A 334 -11.69 17.34 7.80
C LEU A 334 -11.97 17.19 6.30
N ARG A 335 -12.53 18.25 5.70
CA ARG A 335 -12.78 18.27 4.25
C ARG A 335 -11.47 18.31 3.47
N VAL A 336 -10.52 19.12 3.95
CA VAL A 336 -9.19 19.23 3.33
C VAL A 336 -8.41 17.92 3.48
N SER A 337 -8.41 17.37 4.69
CA SER A 337 -7.76 16.10 4.96
C SER A 337 -8.34 14.95 4.13
N SER A 338 -9.67 14.90 4.03
CA SER A 338 -10.37 13.89 3.23
C SER A 338 -9.99 13.94 1.76
N PHE A 339 -9.97 15.15 1.20
CA PHE A 339 -9.66 15.36 -0.22
C PHE A 339 -8.23 14.95 -0.58
N ILE A 340 -7.29 15.28 0.30
CA ILE A 340 -5.89 14.90 0.13
C ILE A 340 -5.69 13.38 0.24
N ARG A 341 -6.22 12.79 1.32
CA ARG A 341 -6.08 11.35 1.56
C ARG A 341 -6.78 10.50 0.51
N GLY A 342 -7.95 10.95 0.06
CA GLY A 342 -8.71 10.23 -0.97
C GLY A 342 -9.81 9.36 -0.38
N THR A 343 -9.84 9.29 0.94
CA THR A 343 -10.88 8.58 1.68
C THR A 343 -11.35 9.50 2.81
N LYS A 344 -12.60 9.33 3.21
CA LYS A 344 -13.20 10.16 4.26
C LYS A 344 -12.40 10.11 5.56
N VAL A 345 -12.03 11.29 6.05
CA VAL A 345 -11.39 11.43 7.35
C VAL A 345 -12.48 11.85 8.33
N VAL A 346 -12.97 10.89 9.10
CA VAL A 346 -14.13 11.10 9.97
C VAL A 346 -13.72 11.68 11.33
N PRO A 347 -14.67 12.32 12.05
CA PRO A 347 -14.41 12.84 13.40
C PRO A 347 -13.94 11.74 14.36
N ARG A 348 -13.26 12.15 15.44
N ARG A 348 -13.27 12.13 15.45
CA ARG A 348 -12.73 11.24 16.46
CA ARG A 348 -12.73 11.20 16.43
C ARG A 348 -13.81 10.36 17.09
C ARG A 348 -13.81 10.34 17.09
N GLY A 349 -14.99 10.93 17.32
CA GLY A 349 -16.12 10.22 17.92
C GLY A 349 -16.76 9.17 17.05
N LYS A 350 -16.40 9.16 15.76
CA LYS A 350 -16.87 8.15 14.80
C LYS A 350 -15.84 7.05 14.57
N LEU A 351 -14.64 7.22 15.15
CA LEU A 351 -13.56 6.25 15.00
C LEU A 351 -13.71 5.08 15.96
N SER A 352 -13.80 3.87 15.42
CA SER A 352 -13.84 2.66 16.22
C SER A 352 -12.42 2.20 16.56
N THR A 353 -11.72 3.03 17.32
CA THR A 353 -10.34 2.75 17.73
C THR A 353 -9.96 3.53 18.99
N ARG A 354 -9.11 2.90 19.80
CA ARG A 354 -8.47 3.58 20.93
C ARG A 354 -7.06 4.01 20.52
N GLY A 355 -6.25 4.41 21.50
CA GLY A 355 -4.88 4.85 21.26
C GLY A 355 -3.98 3.81 20.63
N VAL A 356 -2.86 4.28 20.08
CA VAL A 356 -1.88 3.42 19.42
C VAL A 356 -1.15 2.52 20.43
N GLN A 357 -0.73 3.13 21.54
CA GLN A 357 0.03 2.41 22.58
C GLN A 357 -0.85 1.41 23.34
N ILE A 358 -0.28 0.24 23.60
CA ILE A 358 -0.97 -0.81 24.33
C ILE A 358 -0.56 -0.78 25.80
N ALA A 359 -1.56 -0.61 26.67
CA ALA A 359 -1.34 -0.60 28.13
C ALA A 359 -0.81 -1.96 28.63
N SER A 360 -0.06 -1.92 29.72
CA SER A 360 0.58 -3.12 30.28
C SER A 360 -0.40 -4.12 30.89
N ASN A 361 -1.63 -3.69 31.12
CA ASN A 361 -2.67 -4.55 31.68
C ASN A 361 -3.63 -5.12 30.63
N GLU A 362 -3.28 -4.95 29.36
CA GLU A 362 -4.08 -5.48 28.26
C GLU A 362 -3.64 -6.88 27.88
N ASN A 363 -4.60 -7.70 27.45
CA ASN A 363 -4.35 -9.09 27.08
C ASN A 363 -3.76 -9.22 25.68
N MET A 364 -2.56 -9.80 25.61
CA MET A 364 -1.83 -9.95 24.34
C MET A 364 -2.35 -11.09 23.46
N GLU A 365 -3.07 -12.04 24.06
CA GLU A 365 -3.59 -13.19 23.34
C GLU A 365 -4.71 -12.82 22.35
N THR A 366 -5.34 -11.66 22.57
CA THR A 366 -6.41 -11.16 21.71
C THR A 366 -5.89 -10.14 20.69
N MET A 367 -4.59 -9.88 20.70
CA MET A 367 -3.98 -8.89 19.81
C MET A 367 -3.65 -9.45 18.43
N GLU A 368 -4.06 -8.71 17.40
CA GLU A 368 -3.67 -8.99 16.03
C GLU A 368 -2.86 -7.81 15.48
N SER A 369 -2.12 -8.04 14.40
CA SER A 369 -1.38 -6.98 13.74
C SER A 369 -1.88 -6.79 12.31
N SER A 370 -1.86 -5.54 11.85
CA SER A 370 -2.25 -5.22 10.48
C SER A 370 -1.47 -4.04 9.92
N THR A 371 -1.46 -3.91 8.60
CA THR A 371 -0.81 -2.79 7.91
C THR A 371 -1.58 -1.49 8.19
N LEU A 372 -0.83 -0.43 8.42
CA LEU A 372 -1.39 0.92 8.50
C LEU A 372 -1.42 1.54 7.11
N GLU A 373 -2.60 1.92 6.65
CA GLU A 373 -2.73 2.63 5.39
C GLU A 373 -2.41 4.11 5.59
N LEU A 374 -1.18 4.48 5.27
CA LEU A 374 -0.66 5.83 5.51
C LEU A 374 -0.37 6.61 4.24
N ARG A 375 -0.92 6.14 3.11
CA ARG A 375 -0.73 6.79 1.81
C ARG A 375 -1.83 7.83 1.54
N SER A 376 -1.69 8.56 0.45
CA SER A 376 -2.63 9.62 0.08
C SER A 376 -2.88 9.65 -1.42
N ARG A 377 -4.07 10.10 -1.81
CA ARG A 377 -4.39 10.31 -3.22
C ARG A 377 -3.55 11.48 -3.76
N TYR A 378 -3.58 12.60 -3.04
CA TYR A 378 -2.80 13.78 -3.39
C TYR A 378 -1.76 14.09 -2.32
N TRP A 379 -0.95 15.12 -2.56
CA TRP A 379 -0.13 15.69 -1.50
C TRP A 379 -0.35 17.21 -1.46
N ALA A 380 0.06 17.83 -0.36
CA ALA A 380 -0.04 19.27 -0.20
C ALA A 380 1.07 19.81 0.68
N ILE A 381 1.56 20.99 0.35
CA ILE A 381 2.57 21.68 1.15
C ILE A 381 2.02 21.99 2.54
N ARG A 382 2.78 21.66 3.57
CA ARG A 382 2.41 22.04 4.93
C ARG A 382 2.74 23.52 5.16
N THR A 383 1.80 24.24 5.75
CA THR A 383 1.92 25.68 5.90
C THR A 383 2.31 26.13 7.32
N ARG A 384 2.94 27.30 7.39
CA ARG A 384 3.21 27.98 8.65
C ARG A 384 2.14 29.04 8.91
N SER A 385 1.44 29.43 7.85
CA SER A 385 0.43 30.49 7.91
C SER A 385 -0.83 30.06 8.66
N GLY A 386 -1.48 31.01 9.31
CA GLY A 386 -2.77 30.77 9.94
C GLY A 386 -3.94 31.23 9.09
N GLY A 387 -3.67 31.55 7.83
CA GLY A 387 -4.68 32.08 6.91
C GLY A 387 -4.77 33.60 6.97
N ASN A 388 -5.74 34.16 6.24
CA ASN A 388 -5.96 35.60 6.19
C ASN A 388 -6.41 36.19 7.53
N THR A 389 -5.75 37.27 7.94
CA THR A 389 -6.16 38.03 9.11
C THR A 389 -6.49 39.47 8.72
N ASN A 390 -6.18 39.81 7.47
CA ASN A 390 -6.49 41.12 6.90
C ASN A 390 -7.97 41.26 6.60
N GLN A 391 -8.65 42.10 7.38
CA GLN A 391 -10.09 42.31 7.24
C GLN A 391 -10.43 43.54 6.41
N GLN A 392 -9.41 44.13 5.79
CA GLN A 392 -9.55 45.34 4.99
C GLN A 392 -9.27 45.08 3.51
N ARG A 393 -9.65 43.89 3.05
CA ARG A 393 -9.37 43.44 1.69
C ARG A 393 -10.39 43.97 0.67
N ALA A 394 -11.44 44.63 1.16
CA ALA A 394 -12.56 45.10 0.33
C ALA A 394 -13.01 43.96 -0.58
N SER A 395 -13.34 42.84 0.06
CA SER A 395 -13.60 41.58 -0.62
C SER A 395 -14.94 41.59 -1.34
N SER A 396 -14.96 41.00 -2.53
CA SER A 396 -16.14 40.99 -3.39
C SER A 396 -16.98 39.74 -3.18
N GLY A 397 -18.30 39.91 -3.26
CA GLY A 397 -19.24 38.79 -3.13
C GLY A 397 -20.67 39.23 -3.20
N GLN A 398 -21.54 38.46 -2.55
CA GLN A 398 -22.98 38.74 -2.52
C GLN A 398 -23.55 38.23 -1.20
N ILE A 399 -24.28 39.10 -0.50
CA ILE A 399 -24.81 38.78 0.82
C ILE A 399 -26.32 38.96 0.95
N SER A 400 -26.99 39.09 -0.21
CA SER A 400 -28.44 39.19 -0.29
C SER A 400 -28.88 38.96 -1.74
N ILE A 401 -30.18 38.72 -1.92
CA ILE A 401 -30.76 38.65 -3.26
C ILE A 401 -31.75 39.80 -3.47
N GLN A 402 -31.94 40.19 -4.72
CA GLN A 402 -33.02 41.11 -5.08
C GLN A 402 -34.01 40.32 -5.94
N PRO A 403 -35.27 40.19 -5.46
CA PRO A 403 -36.28 39.44 -6.22
C PRO A 403 -36.56 40.02 -7.60
N THR A 404 -36.51 39.15 -8.61
CA THR A 404 -36.87 39.49 -10.00
C THR A 404 -38.28 39.00 -10.31
N PHE A 405 -38.61 37.81 -9.82
CA PHE A 405 -39.87 37.14 -10.13
C PHE A 405 -40.85 37.16 -8.96
N SER A 406 -42.13 37.27 -9.29
CA SER A 406 -43.20 37.20 -8.30
C SER A 406 -43.54 35.74 -8.01
N VAL A 407 -42.79 35.15 -7.08
CA VAL A 407 -42.92 33.74 -6.71
C VAL A 407 -42.76 33.62 -5.19
N GLN A 408 -43.58 32.78 -4.57
CA GLN A 408 -43.49 32.56 -3.11
C GLN A 408 -42.18 31.87 -2.72
N ARG A 409 -41.43 32.53 -1.83
CA ARG A 409 -40.21 31.99 -1.23
C ARG A 409 -39.71 32.90 -0.13
N ASN A 410 -38.79 32.38 0.68
CA ASN A 410 -38.05 33.21 1.62
C ASN A 410 -37.01 34.03 0.85
N LEU A 411 -36.54 35.12 1.42
CA LEU A 411 -35.54 35.96 0.76
C LEU A 411 -34.22 35.90 1.51
N PRO A 412 -33.27 35.09 1.02
CA PRO A 412 -31.97 34.90 1.68
C PRO A 412 -31.18 36.20 1.84
N PHE A 413 -30.59 36.36 3.01
CA PHE A 413 -29.58 37.38 3.25
C PHE A 413 -28.63 36.90 4.34
N ASP A 414 -27.38 37.37 4.28
CA ASP A 414 -26.37 37.02 5.27
C ASP A 414 -26.51 37.93 6.48
N ARG A 415 -27.34 37.51 7.44
CA ARG A 415 -27.65 38.32 8.62
C ARG A 415 -26.44 38.79 9.43
N PRO A 416 -25.59 37.85 9.92
CA PRO A 416 -24.47 38.29 10.78
C PRO A 416 -23.54 39.29 10.11
N THR A 417 -23.30 39.11 8.81
CA THR A 417 -22.44 40.01 8.03
C THR A 417 -23.05 41.41 7.88
N ILE A 418 -24.32 41.47 7.50
CA ILE A 418 -25.03 42.73 7.33
C ILE A 418 -25.12 43.49 8.65
N MET A 419 -25.46 42.78 9.72
CA MET A 419 -25.63 43.38 11.05
C MET A 419 -24.31 43.75 11.75
N ALA A 420 -23.21 43.15 11.30
CA ALA A 420 -21.88 43.37 11.92
C ALA A 420 -21.38 44.80 11.75
N ALA A 421 -21.78 45.45 10.67
CA ALA A 421 -21.31 46.81 10.35
C ALA A 421 -21.98 47.89 11.20
N PHE A 422 -22.80 47.48 12.17
CA PHE A 422 -23.47 48.42 13.07
C PHE A 422 -23.02 48.23 14.52
N ASP A 432 -8.43 49.71 24.04
CA ASP A 432 -7.89 50.23 22.78
C ASP A 432 -7.56 49.09 21.82
N MET A 433 -6.68 48.18 22.27
CA MET A 433 -6.29 47.03 21.45
C MET A 433 -7.31 45.89 21.53
N ARG A 434 -8.00 45.78 22.66
CA ARG A 434 -9.08 44.81 22.83
C ARG A 434 -10.25 45.10 21.88
N THR A 435 -10.67 46.35 21.82
CA THR A 435 -11.81 46.77 21.00
C THR A 435 -11.52 46.70 19.50
N GLU A 436 -10.27 46.95 19.11
CA GLU A 436 -9.85 46.80 17.72
C GLU A 436 -9.88 45.34 17.31
N ILE A 437 -9.35 44.48 18.18
CA ILE A 437 -9.34 43.02 17.95
C ILE A 437 -10.78 42.48 17.86
N ILE A 438 -11.65 42.95 18.76
CA ILE A 438 -13.08 42.62 18.71
C ILE A 438 -13.67 43.00 17.35
N ARG A 439 -13.33 44.20 16.87
CA ARG A 439 -13.85 44.72 15.60
C ARG A 439 -13.33 43.93 14.41
N LEU A 440 -12.06 43.51 14.47
CA LEU A 440 -11.47 42.68 13.43
C LEU A 440 -12.10 41.28 13.40
N MET A 441 -12.41 40.76 14.58
CA MET A 441 -13.09 39.47 14.71
C MET A 441 -14.52 39.55 14.17
N GLU A 442 -15.18 40.68 14.42
CA GLU A 442 -16.54 40.93 13.94
C GLU A 442 -16.62 41.05 12.42
N SER A 443 -15.55 41.53 11.80
CA SER A 443 -15.46 41.68 10.35
C SER A 443 -15.27 40.34 9.63
N ALA A 444 -14.63 39.38 10.31
CA ALA A 444 -14.33 38.08 9.73
C ALA A 444 -15.57 37.21 9.55
N ARG A 445 -15.53 36.33 8.56
CA ARG A 445 -16.64 35.45 8.24
C ARG A 445 -16.11 34.05 7.95
N PRO A 446 -16.86 33.00 8.36
CA PRO A 446 -16.48 31.62 8.04
C PRO A 446 -16.34 31.36 6.53
N GLU A 447 -16.93 32.25 5.73
CA GLU A 447 -16.94 32.12 4.28
C GLU A 447 -15.67 32.65 3.60
N ASP A 448 -14.95 33.53 4.31
CA ASP A 448 -13.74 34.16 3.77
C ASP A 448 -12.67 33.14 3.40
N VAL A 449 -12.07 33.32 2.23
CA VAL A 449 -11.13 32.35 1.67
C VAL A 449 -9.67 32.70 1.97
N SER A 450 -8.91 31.69 2.40
CA SER A 450 -7.48 31.83 2.59
C SER A 450 -6.71 30.95 1.60
N PHE A 451 -5.41 31.22 1.47
CA PHE A 451 -4.50 30.49 0.57
C PHE A 451 -4.95 30.52 -0.90
N GLN A 452 -5.31 31.72 -1.38
CA GLN A 452 -5.83 31.89 -2.74
C GLN A 452 -4.83 31.46 -3.81
N GLY A 453 -5.30 30.62 -4.73
CA GLY A 453 -4.48 30.15 -5.86
C GLY A 453 -3.66 28.90 -5.55
N ARG A 454 -3.64 28.50 -4.28
CA ARG A 454 -2.89 27.34 -3.85
C ARG A 454 -3.76 26.09 -3.82
N GLY A 455 -3.20 24.96 -4.24
CA GLY A 455 -3.94 23.72 -4.31
C GLY A 455 -3.14 22.49 -3.93
N VAL A 456 -3.79 21.33 -4.02
CA VAL A 456 -3.14 20.04 -3.78
C VAL A 456 -2.39 19.62 -5.04
N PHE A 457 -1.54 18.60 -4.92
CA PHE A 457 -0.76 18.15 -6.06
C PHE A 457 -0.78 16.64 -6.22
N GLU A 458 -0.62 16.20 -7.47
CA GLU A 458 -0.41 14.79 -7.79
C GLU A 458 0.92 14.34 -7.19
N LEU A 459 0.99 13.10 -6.74
CA LEU A 459 2.23 12.52 -6.22
C LEU A 459 3.38 12.54 -7.24
N SER A 460 3.02 12.57 -8.52
CA SER A 460 4.01 12.64 -9.61
C SER A 460 4.49 14.07 -9.87
N ASP A 461 3.75 15.06 -9.36
CA ASP A 461 4.08 16.48 -9.52
C ASP A 461 5.07 16.88 -8.41
N GLU A 462 6.34 16.54 -8.62
CA GLU A 462 7.38 16.74 -7.61
C GLU A 462 7.77 18.20 -7.41
N LYS A 463 7.64 19.01 -8.46
CA LYS A 463 8.02 20.41 -8.43
C LYS A 463 6.85 21.31 -8.04
N ALA A 464 5.68 20.70 -7.84
CA ALA A 464 4.44 21.40 -7.47
C ALA A 464 4.03 22.46 -8.50
N THR A 465 3.93 22.03 -9.75
CA THR A 465 3.69 22.94 -10.88
C THR A 465 2.21 23.15 -11.20
N SER A 466 1.40 22.12 -10.95
CA SER A 466 -0.01 22.14 -11.37
C SER A 466 -0.97 21.95 -10.19
N PRO A 467 -1.26 23.04 -9.45
CA PRO A 467 -2.11 22.94 -8.27
C PRO A 467 -3.56 22.60 -8.61
N ILE A 468 -4.12 21.64 -7.88
CA ILE A 468 -5.53 21.29 -7.98
C ILE A 468 -6.27 22.01 -6.85
N VAL A 469 -7.06 23.01 -7.22
CA VAL A 469 -7.90 23.72 -6.25
C VAL A 469 -9.25 22.99 -6.12
N PRO A 470 -9.53 22.44 -4.93
CA PRO A 470 -10.76 21.68 -4.68
C PRO A 470 -11.98 22.57 -4.50
N SER A 471 -13.16 22.01 -4.76
CA SER A 471 -14.41 22.75 -4.66
C SER A 471 -14.95 22.72 -3.23
N PHE A 472 -14.50 23.70 -2.43
CA PHE A 472 -14.99 23.86 -1.06
C PHE A 472 -15.87 25.09 -0.92
N GLY A 478 -18.76 18.46 7.70
CA GLY A 478 -18.03 18.18 8.93
C GLY A 478 -16.57 18.59 8.85
N SER A 479 -16.21 19.61 9.62
CA SER A 479 -14.86 20.18 9.59
C SER A 479 -14.03 19.85 10.83
N TYR A 480 -14.69 19.68 11.98
CA TYR A 480 -13.99 19.53 13.26
C TYR A 480 -13.79 18.07 13.67
N PHE A 481 -12.52 17.69 13.86
CA PHE A 481 -12.16 16.33 14.27
C PHE A 481 -12.65 16.00 15.69
N PHE A 482 -12.60 16.99 16.58
CA PHE A 482 -13.05 16.82 17.95
C PHE A 482 -14.45 17.39 18.17
N GLY A 483 -15.20 17.56 17.07
CA GLY A 483 -16.53 18.13 17.12
C GLY A 483 -17.66 17.16 17.45
N ASP A 484 -17.35 15.86 17.46
CA ASP A 484 -18.36 14.83 17.69
C ASP A 484 -18.16 14.09 19.01
N ASN A 485 -18.75 14.63 20.08
CA ASN A 485 -18.74 13.98 21.38
C ASN A 485 -20.12 13.96 22.04
N ALA A 486 -20.21 13.29 23.19
CA ALA A 486 -21.48 13.11 23.90
C ALA A 486 -22.04 14.41 24.49
N GLU A 487 -21.27 15.49 24.41
CA GLU A 487 -21.66 16.78 24.97
C GLU A 487 -22.00 17.83 23.91
N GLU A 488 -21.41 17.69 22.73
CA GLU A 488 -21.55 18.68 21.65
C GLU A 488 -21.55 18.01 20.28
N TYR A 489 -22.48 18.43 19.42
CA TYR A 489 -22.46 18.02 18.03
C TYR A 489 -22.03 19.21 17.16
N ASP A 490 -20.73 19.52 17.22
CA ASP A 490 -20.17 20.71 16.57
C ASP A 490 -20.12 20.61 15.04
N ASN A 491 -20.16 19.38 14.51
CA ASN A 491 -20.20 19.16 13.08
C ASN A 491 -21.65 19.13 12.57
N SER B 2 -6.39 -23.04 3.49
CA SER B 2 -5.83 -22.71 2.14
C SER B 2 -4.71 -23.66 1.73
N TYR B 3 -5.00 -24.52 0.76
CA TYR B 3 -4.02 -25.46 0.21
C TYR B 3 -4.38 -25.82 -1.24
N GLU B 4 -3.44 -26.45 -1.95
CA GLU B 4 -3.56 -26.68 -3.39
C GLU B 4 -4.85 -27.36 -3.87
N GLN B 5 -5.40 -28.25 -3.05
CA GLN B 5 -6.60 -29.01 -3.42
C GLN B 5 -7.83 -28.62 -2.59
N MET B 6 -7.90 -27.35 -2.18
CA MET B 6 -8.98 -26.86 -1.32
C MET B 6 -10.34 -26.78 -2.01
N GLU B 7 -10.32 -26.64 -3.34
CA GLU B 7 -11.55 -26.47 -4.12
C GLU B 7 -12.32 -27.78 -4.30
N THR B 8 -11.60 -28.88 -4.57
CA THR B 8 -12.23 -30.16 -4.86
C THR B 8 -12.19 -31.15 -3.69
N ASP B 9 -10.99 -31.39 -3.17
CA ASP B 9 -10.78 -32.38 -2.11
C ASP B 9 -11.36 -31.95 -0.76
N GLY B 10 -11.24 -30.66 -0.45
CA GLY B 10 -11.85 -30.07 0.75
C GLY B 10 -11.32 -30.56 2.08
N GLU B 11 -10.39 -29.79 2.65
CA GLU B 11 -9.82 -30.06 3.98
C GLU B 11 -9.27 -31.49 4.14
N ARG B 12 -8.23 -31.80 3.36
CA ARG B 12 -7.54 -33.08 3.46
C ARG B 12 -6.73 -33.15 4.75
N GLN B 13 -6.44 -34.37 5.19
CA GLN B 13 -5.65 -34.60 6.42
C GLN B 13 -4.18 -34.20 6.26
N ASN B 14 -3.70 -34.17 5.02
CA ASN B 14 -2.33 -33.78 4.72
C ASN B 14 -2.19 -32.33 4.23
N ALA B 15 -3.18 -31.50 4.53
CA ALA B 15 -3.22 -30.11 4.09
C ALA B 15 -2.06 -29.27 4.66
N THR B 16 -1.71 -29.51 5.92
CA THR B 16 -0.58 -28.86 6.58
C THR B 16 0.75 -29.28 5.93
N GLU B 17 0.83 -30.55 5.53
CA GLU B 17 2.01 -31.09 4.85
C GLU B 17 2.16 -30.52 3.44
N ILE B 18 1.03 -30.36 2.74
CA ILE B 18 1.01 -29.75 1.40
C ILE B 18 1.46 -28.29 1.48
N ARG B 19 0.94 -27.56 2.46
CA ARG B 19 1.34 -26.17 2.71
C ARG B 19 2.83 -26.02 3.02
N ALA B 20 3.37 -27.00 3.75
CA ALA B 20 4.77 -27.00 4.15
C ALA B 20 5.73 -27.21 2.99
N SER B 21 5.37 -28.12 2.08
CA SER B 21 6.20 -28.40 0.89
C SER B 21 6.14 -27.26 -0.12
N VAL B 22 4.96 -26.66 -0.28
CA VAL B 22 4.81 -25.46 -1.12
C VAL B 22 5.59 -24.30 -0.50
N GLY B 23 5.49 -24.16 0.82
CA GLY B 23 6.23 -23.14 1.56
C GLY B 23 7.74 -23.29 1.46
N LYS B 24 8.22 -24.53 1.49
CA LYS B 24 9.64 -24.83 1.35
C LYS B 24 10.17 -24.44 -0.03
N MET B 25 9.33 -24.62 -1.05
CA MET B 25 9.63 -24.19 -2.42
C MET B 25 9.79 -22.67 -2.50
N ILE B 26 8.90 -21.94 -1.83
CA ILE B 26 8.94 -20.47 -1.79
C ILE B 26 10.17 -19.95 -1.03
N ASP B 27 10.47 -20.55 0.12
CA ASP B 27 11.68 -20.22 0.87
C ASP B 27 12.93 -20.36 -0.01
N GLY B 28 12.97 -21.44 -0.79
CA GLY B 28 14.05 -21.68 -1.75
C GLY B 28 14.23 -20.54 -2.75
N ILE B 29 13.13 -20.12 -3.38
CA ILE B 29 13.15 -18.96 -4.29
C ILE B 29 13.64 -17.73 -3.55
N GLY B 30 13.04 -17.47 -2.38
CA GLY B 30 13.40 -16.35 -1.52
C GLY B 30 14.87 -16.27 -1.17
N ARG B 31 15.42 -17.36 -0.63
CA ARG B 31 16.83 -17.44 -0.27
C ARG B 31 17.74 -17.23 -1.48
N PHE B 32 17.36 -17.82 -2.61
CA PHE B 32 18.12 -17.70 -3.85
C PHE B 32 18.20 -16.23 -4.29
N TYR B 33 17.05 -15.57 -4.30
CA TYR B 33 16.95 -14.18 -4.74
C TYR B 33 17.76 -13.24 -3.84
N ILE B 34 17.66 -13.45 -2.52
CA ILE B 34 18.44 -12.69 -1.53
C ILE B 34 19.94 -12.76 -1.84
N GLN B 35 20.44 -13.97 -2.07
CA GLN B 35 21.87 -14.18 -2.34
C GLN B 35 22.29 -13.53 -3.66
N MET B 36 21.43 -13.64 -4.67
CA MET B 36 21.66 -13.01 -5.97
C MET B 36 21.75 -11.49 -5.87
N CYS B 37 20.88 -10.88 -5.06
CA CYS B 37 20.91 -9.44 -4.82
C CYS B 37 22.18 -9.00 -4.10
N THR B 38 22.64 -9.85 -3.16
CA THR B 38 23.88 -9.63 -2.43
C THR B 38 25.08 -9.72 -3.37
N GLU B 39 25.06 -10.71 -4.27
CA GLU B 39 26.14 -10.93 -5.23
C GLU B 39 26.28 -9.77 -6.21
N LEU B 40 25.12 -9.20 -6.58
CA LEU B 40 25.08 -8.10 -7.54
C LEU B 40 25.16 -6.73 -6.87
N LYS B 41 25.27 -6.73 -5.54
CA LYS B 41 25.38 -5.50 -4.74
C LYS B 41 24.20 -4.54 -4.96
N LEU B 42 23.03 -5.13 -5.21
CA LEU B 42 21.81 -4.37 -5.40
C LEU B 42 21.25 -3.90 -4.07
N SER B 43 20.65 -2.71 -4.09
N SER B 43 20.66 -2.71 -4.07
CA SER B 43 19.93 -2.18 -2.95
CA SER B 43 19.96 -2.22 -2.89
C SER B 43 18.61 -2.93 -2.78
C SER B 43 18.62 -2.95 -2.76
N ASP B 44 18.00 -2.82 -1.60
CA ASP B 44 16.69 -3.45 -1.34
C ASP B 44 15.61 -2.93 -2.31
N TYR B 45 15.59 -1.61 -2.54
CA TYR B 45 14.68 -1.02 -3.53
C TYR B 45 14.92 -1.59 -4.93
N GLU B 46 16.19 -1.61 -5.34
CA GLU B 46 16.60 -2.12 -6.67
C GLU B 46 16.30 -3.62 -6.81
N GLY B 47 16.44 -4.35 -5.71
CA GLY B 47 16.08 -5.77 -5.66
C GLY B 47 14.59 -5.99 -5.88
N ARG B 48 13.79 -5.03 -5.42
CA ARG B 48 12.33 -5.10 -5.59
C ARG B 48 11.85 -4.42 -6.87
N LEU B 49 12.78 -4.06 -7.75
CA LEU B 49 12.44 -3.63 -9.10
C LEU B 49 12.16 -4.87 -9.95
N ILE B 50 10.93 -4.98 -10.45
CA ILE B 50 10.48 -6.17 -11.17
C ILE B 50 11.34 -6.53 -12.39
N GLN B 51 11.95 -5.51 -13.01
CA GLN B 51 12.85 -5.71 -14.15
C GLN B 51 14.14 -6.44 -13.75
N ASN B 52 14.65 -6.11 -12.57
CA ASN B 52 15.78 -6.84 -11.97
C ASN B 52 15.41 -8.27 -11.60
N SER B 53 14.21 -8.43 -11.04
CA SER B 53 13.67 -9.73 -10.68
C SER B 53 13.57 -10.66 -11.88
N LEU B 54 13.05 -10.13 -13.00
CA LEU B 54 12.89 -10.91 -14.22
C LEU B 54 14.22 -11.37 -14.82
N THR B 55 15.23 -10.51 -14.76
CA THR B 55 16.58 -10.87 -15.19
C THR B 55 17.17 -11.99 -14.33
N ILE B 56 17.05 -11.84 -13.00
CA ILE B 56 17.56 -12.82 -12.05
C ILE B 56 16.82 -14.16 -12.19
N GLU B 57 15.51 -14.11 -12.40
CA GLU B 57 14.71 -15.30 -12.67
C GLU B 57 15.15 -15.99 -13.96
N ARG B 58 15.46 -15.19 -14.99
CA ARG B 58 15.87 -15.71 -16.29
C ARG B 58 17.29 -16.28 -16.26
N MET B 59 18.15 -15.73 -15.40
CA MET B 59 19.52 -16.18 -15.25
C MET B 59 19.62 -17.60 -14.68
N VAL B 60 18.78 -17.91 -13.69
CA VAL B 60 18.76 -19.26 -13.09
C VAL B 60 18.08 -20.29 -14.00
N LEU B 61 17.06 -19.86 -14.74
CA LEU B 61 16.38 -20.74 -15.69
C LEU B 61 17.28 -21.11 -16.86
N SER B 62 18.06 -20.13 -17.32
CA SER B 62 19.02 -20.34 -18.40
C SER B 62 20.21 -21.21 -17.96
N ALA B 63 20.53 -21.15 -16.67
CA ALA B 63 21.59 -21.97 -16.07
C ALA B 63 21.21 -23.45 -16.03
N PHE B 64 19.93 -23.74 -15.85
CA PHE B 64 19.42 -25.10 -15.81
C PHE B 64 18.75 -25.51 -17.12
N ASP B 65 18.89 -24.68 -18.14
CA ASP B 65 18.39 -24.99 -19.47
C ASP B 65 19.28 -26.05 -20.09
N GLU B 66 18.81 -27.30 -20.06
CA GLU B 66 19.58 -28.45 -20.53
C GLU B 66 19.79 -28.46 -22.04
N ARG B 67 18.75 -28.11 -22.78
CA ARG B 67 18.81 -28.07 -24.25
C ARG B 67 19.82 -27.04 -24.76
N ARG B 68 19.84 -25.87 -24.13
CA ARG B 68 20.77 -24.79 -24.49
C ARG B 68 22.21 -25.14 -24.13
N ASN B 69 22.40 -25.63 -22.91
CA ASN B 69 23.74 -26.01 -22.42
C ASN B 69 24.36 -27.19 -23.17
N LYS B 70 23.52 -28.16 -23.54
CA LYS B 70 23.93 -29.31 -24.36
C LYS B 70 24.33 -28.85 -25.76
N TYR B 71 23.62 -27.85 -26.27
CA TYR B 71 23.91 -27.27 -27.58
C TYR B 71 25.24 -26.51 -27.59
N LEU B 72 25.46 -25.68 -26.58
CA LEU B 72 26.64 -24.81 -26.51
C LEU B 72 27.94 -25.58 -26.23
N GLU B 73 27.80 -26.80 -25.70
CA GLU B 73 28.93 -27.71 -25.53
C GLU B 73 29.31 -28.34 -26.87
N GLU B 74 28.32 -28.47 -27.75
CA GLU B 74 28.52 -29.03 -29.10
C GLU B 74 28.89 -27.96 -30.12
N HIS B 75 28.36 -26.75 -29.93
CA HIS B 75 28.59 -25.64 -30.85
C HIS B 75 29.15 -24.41 -30.12
N PRO B 76 30.48 -24.38 -29.90
CA PRO B 76 31.14 -23.27 -29.19
C PRO B 76 31.12 -21.98 -30.00
N ASP B 81 30.58 -16.21 -24.53
CA ASP B 81 31.00 -17.19 -23.54
C ASP B 81 29.86 -18.17 -23.24
N PRO B 82 30.07 -19.47 -23.55
CA PRO B 82 29.04 -20.49 -23.32
C PRO B 82 28.85 -20.87 -21.85
N LYS B 83 29.86 -20.57 -21.02
CA LYS B 83 29.80 -20.87 -19.59
C LYS B 83 29.09 -19.77 -18.78
N LYS B 84 28.78 -18.66 -19.44
CA LYS B 84 28.14 -17.53 -18.78
C LYS B 84 26.74 -17.20 -19.32
N THR B 85 25.93 -16.57 -18.47
CA THR B 85 24.59 -16.12 -18.83
C THR B 85 24.30 -14.78 -18.16
N GLY B 86 23.31 -14.06 -18.67
CA GLY B 86 22.93 -12.79 -18.07
C GLY B 86 21.84 -12.00 -18.78
N GLY B 87 21.72 -10.74 -18.40
CA GLY B 87 20.72 -9.84 -18.96
C GLY B 87 20.86 -8.46 -18.35
N PRO B 88 19.88 -7.57 -18.62
CA PRO B 88 19.94 -6.21 -18.08
C PRO B 88 19.70 -6.13 -16.58
N ILE B 89 20.63 -5.51 -15.87
CA ILE B 89 20.48 -5.19 -14.45
C ILE B 89 20.40 -3.67 -14.32
N TYR B 90 19.43 -3.22 -13.52
CA TYR B 90 19.11 -1.80 -13.44
C TYR B 90 19.44 -1.21 -12.07
N ARG B 91 20.30 -0.20 -12.09
CA ARG B 91 20.71 0.51 -10.87
C ARG B 91 20.39 1.98 -10.99
N ARG B 92 20.11 2.62 -9.86
CA ARG B 92 19.96 4.06 -9.82
C ARG B 92 21.29 4.68 -9.42
N VAL B 93 21.98 5.26 -10.40
CA VAL B 93 23.29 5.87 -10.20
C VAL B 93 23.26 7.35 -10.59
N ASP B 94 23.75 8.20 -9.69
CA ASP B 94 23.79 9.65 -9.89
C ASP B 94 22.43 10.23 -10.32
N GLY B 95 21.37 9.87 -9.57
CA GLY B 95 20.03 10.37 -9.81
C GLY B 95 19.31 9.85 -11.04
N LYS B 96 19.91 8.87 -11.72
CA LYS B 96 19.33 8.31 -12.94
C LYS B 96 19.39 6.78 -12.97
N TRP B 97 18.43 6.18 -13.67
CA TRP B 97 18.43 4.73 -13.86
C TRP B 97 19.40 4.30 -14.96
N ARG B 98 20.23 3.33 -14.64
CA ARG B 98 21.28 2.86 -15.53
C ARG B 98 21.06 1.40 -15.89
N ARG B 99 21.26 1.07 -17.16
CA ARG B 99 21.21 -0.31 -17.63
C ARG B 99 22.62 -0.86 -17.77
N GLU B 100 22.86 -2.04 -17.17
CA GLU B 100 24.11 -2.76 -17.37
C GLU B 100 23.83 -4.20 -17.79
N LEU B 101 24.68 -4.73 -18.67
CA LEU B 101 24.60 -6.13 -19.08
C LEU B 101 25.54 -6.97 -18.22
N ILE B 102 24.97 -7.67 -17.24
CA ILE B 102 25.76 -8.54 -16.37
C ILE B 102 25.96 -9.90 -17.03
N LEU B 103 27.19 -10.42 -16.95
CA LEU B 103 27.49 -11.79 -17.38
C LEU B 103 27.98 -12.58 -16.18
N TYR B 104 27.26 -13.65 -15.86
CA TYR B 104 27.52 -14.44 -14.67
C TYR B 104 27.74 -15.90 -15.04
N ASP B 105 28.68 -16.54 -14.34
CA ASP B 105 29.00 -17.96 -14.54
C ASP B 105 27.78 -18.83 -14.24
N LYS B 106 27.38 -19.65 -15.21
CA LYS B 106 26.21 -20.53 -15.10
C LYS B 106 26.30 -21.51 -13.92
N GLU B 107 27.46 -22.14 -13.79
CA GLU B 107 27.72 -23.11 -12.72
C GLU B 107 27.63 -22.47 -11.34
N GLU B 108 28.03 -21.20 -11.25
CA GLU B 108 27.92 -20.43 -10.03
C GLU B 108 26.46 -20.13 -9.67
N ILE B 109 25.63 -19.89 -10.68
CA ILE B 109 24.19 -19.67 -10.48
C ILE B 109 23.53 -20.94 -9.96
N ARG B 110 23.84 -22.06 -10.60
CA ARG B 110 23.36 -23.38 -10.20
C ARG B 110 23.76 -23.72 -8.76
N ARG B 111 24.97 -23.32 -8.38
CA ARG B 111 25.48 -23.50 -7.02
C ARG B 111 24.67 -22.70 -6.00
N ILE B 112 24.40 -21.43 -6.32
CA ILE B 112 23.61 -20.54 -5.45
C ILE B 112 22.17 -21.05 -5.31
N TRP B 113 21.59 -21.52 -6.41
CA TRP B 113 20.25 -22.09 -6.41
C TRP B 113 20.15 -23.31 -5.49
N ARG B 114 21.07 -24.26 -5.66
CA ARG B 114 21.05 -25.51 -4.88
C ARG B 114 21.30 -25.28 -3.40
N GLN B 115 22.27 -24.41 -3.08
CA GLN B 115 22.56 -24.03 -1.70
C GLN B 115 21.34 -23.39 -1.02
N ALA B 116 20.60 -22.60 -1.79
CA ALA B 116 19.38 -21.95 -1.30
C ALA B 116 18.23 -22.94 -1.12
N ASN B 117 18.24 -24.00 -1.92
CA ASN B 117 17.25 -25.08 -1.82
C ASN B 117 17.80 -26.31 -1.09
N ASN B 118 18.77 -26.07 -0.21
CA ASN B 118 19.33 -27.09 0.69
C ASN B 118 19.96 -28.29 -0.01
N GLY B 119 20.67 -28.03 -1.11
CA GLY B 119 21.37 -29.07 -1.85
C GLY B 119 20.60 -29.65 -3.02
N ASP B 120 19.27 -29.53 -2.97
CA ASP B 120 18.41 -30.13 -3.99
C ASP B 120 18.33 -29.32 -5.28
N ASP B 121 18.00 -30.01 -6.37
CA ASP B 121 17.84 -29.38 -7.69
C ASP B 121 16.58 -28.52 -7.74
N ALA B 122 15.58 -28.88 -6.94
CA ALA B 122 14.34 -28.13 -6.80
C ALA B 122 13.78 -27.64 -8.14
N THR B 123 13.43 -28.60 -9.00
CA THR B 123 12.87 -28.28 -10.32
C THR B 123 11.50 -27.62 -10.20
N ALA B 124 10.79 -27.91 -9.12
CA ALA B 124 9.47 -27.33 -8.85
C ALA B 124 9.56 -25.82 -8.60
N GLY B 125 10.67 -25.38 -8.01
CA GLY B 125 10.95 -23.96 -7.80
C GLY B 125 11.21 -23.24 -9.10
N LEU B 126 11.97 -23.89 -10.00
CA LEU B 126 12.24 -23.36 -11.32
C LEU B 126 10.98 -23.29 -12.17
N THR B 127 10.18 -24.35 -12.13
CA THR B 127 8.88 -24.40 -12.79
C THR B 127 7.93 -23.29 -12.31
N HIS B 128 7.92 -23.06 -11.00
CA HIS B 128 7.12 -22.00 -10.39
C HIS B 128 7.43 -20.61 -10.98
N MET B 129 8.72 -20.35 -11.21
CA MET B 129 9.16 -19.10 -11.84
C MET B 129 8.83 -19.04 -13.33
N MET B 130 8.78 -20.20 -13.98
CA MET B 130 8.38 -20.30 -15.38
C MET B 130 6.90 -20.01 -15.56
N ILE B 131 6.09 -20.47 -14.61
CA ILE B 131 4.64 -20.25 -14.65
C ILE B 131 4.28 -18.78 -14.41
N TRP B 132 5.04 -18.13 -13.53
CA TRP B 132 4.94 -16.67 -13.34
C TRP B 132 5.24 -15.93 -14.65
N HIS B 133 6.33 -16.29 -15.31
CA HIS B 133 6.67 -15.72 -16.62
C HIS B 133 5.58 -16.00 -17.65
N SER B 134 5.05 -17.23 -17.62
CA SER B 134 3.96 -17.64 -18.51
C SER B 134 2.71 -16.82 -18.28
N ASN B 135 2.34 -16.62 -17.01
CA ASN B 135 1.20 -15.80 -16.63
C ASN B 135 1.37 -14.33 -16.99
N LEU B 136 2.63 -13.87 -16.98
CA LEU B 136 2.95 -12.51 -17.41
C LEU B 136 2.82 -12.38 -18.93
N ASN B 137 3.30 -13.40 -19.65
CA ASN B 137 3.17 -13.48 -21.10
C ASN B 137 1.70 -13.48 -21.55
N ASP B 138 0.88 -14.26 -20.86
CA ASP B 138 -0.55 -14.34 -21.12
C ASP B 138 -1.25 -12.99 -20.90
N ALA B 139 -0.78 -12.23 -19.91
CA ALA B 139 -1.33 -10.93 -19.58
C ALA B 139 -0.88 -9.81 -20.53
N THR B 140 0.32 -9.95 -21.08
CA THR B 140 0.94 -8.89 -21.88
C THR B 140 0.59 -8.98 -23.36
N TYR B 141 0.80 -10.16 -23.95
CA TYR B 141 0.66 -10.33 -25.40
C TYR B 141 -0.40 -11.35 -25.79
N GLN B 142 -1.33 -10.93 -26.65
CA GLN B 142 -2.26 -11.82 -27.32
C GLN B 142 -1.54 -12.43 -28.51
N ARG B 143 -1.36 -13.74 -28.50
CA ARG B 143 -0.50 -14.42 -29.46
C ARG B 143 -1.28 -15.04 -30.64
N THR B 144 -1.64 -14.19 -31.59
CA THR B 144 -2.43 -14.60 -32.76
C THR B 144 -1.59 -15.31 -33.83
N ARG B 145 -0.31 -14.99 -33.89
CA ARG B 145 0.60 -15.51 -34.91
C ARG B 145 0.83 -17.02 -34.80
N ALA B 146 0.99 -17.51 -33.57
CA ALA B 146 1.20 -18.93 -33.30
C ALA B 146 -0.07 -19.75 -33.54
N LEU B 147 -1.22 -19.11 -33.32
CA LEU B 147 -2.53 -19.74 -33.55
C LEU B 147 -2.78 -19.96 -35.04
N VAL B 148 -2.55 -18.92 -35.84
CA VAL B 148 -2.73 -18.98 -37.29
C VAL B 148 -1.79 -19.97 -37.97
N ARG B 149 -0.54 -20.02 -37.50
CA ARG B 149 0.48 -20.89 -38.06
C ARG B 149 0.23 -22.36 -37.77
N THR B 150 -0.44 -22.64 -36.66
CA THR B 150 -0.82 -24.00 -36.28
C THR B 150 -2.06 -24.47 -37.03
N GLY B 151 -2.93 -23.53 -37.37
CA GLY B 151 -4.17 -23.83 -38.08
C GLY B 151 -5.42 -23.43 -37.33
N MET B 152 -5.29 -23.22 -36.02
CA MET B 152 -6.41 -22.84 -35.17
C MET B 152 -6.77 -21.35 -35.26
N ASP B 153 -7.95 -21.00 -34.76
CA ASP B 153 -8.48 -19.64 -34.82
C ASP B 153 -7.69 -18.66 -33.94
N PRO B 154 -7.29 -17.50 -34.49
CA PRO B 154 -6.67 -16.43 -33.71
C PRO B 154 -7.55 -15.85 -32.58
N ARG B 155 -8.82 -16.26 -32.56
CA ARG B 155 -9.76 -15.83 -31.51
C ARG B 155 -9.80 -16.81 -30.33
N MET B 156 -9.02 -17.88 -30.42
CA MET B 156 -8.96 -18.91 -29.38
C MET B 156 -7.98 -18.58 -28.25
N CYS B 157 -7.66 -17.31 -28.07
CA CYS B 157 -6.63 -16.88 -27.12
C CYS B 157 -6.91 -17.26 -25.66
N SER B 158 -8.19 -17.28 -25.29
CA SER B 158 -8.61 -17.61 -23.91
C SER B 158 -8.27 -19.05 -23.50
N LEU B 159 -7.91 -19.87 -24.49
CA LEU B 159 -7.58 -21.27 -24.26
C LEU B 159 -6.07 -21.52 -24.23
N MET B 160 -5.30 -20.44 -24.36
CA MET B 160 -3.86 -20.53 -24.56
C MET B 160 -3.01 -20.23 -23.33
N GLN B 161 -3.53 -20.57 -22.14
CA GLN B 161 -2.75 -20.43 -20.91
C GLN B 161 -1.58 -21.41 -20.93
N GLY B 162 -0.39 -20.90 -20.60
CA GLY B 162 0.82 -21.72 -20.55
C GLY B 162 1.37 -22.15 -21.89
N SER B 163 1.02 -21.43 -22.96
CA SER B 163 1.47 -21.80 -24.31
C SER B 163 2.90 -21.34 -24.61
N THR B 164 3.47 -20.53 -23.73
CA THR B 164 4.87 -20.12 -23.82
C THR B 164 5.78 -20.98 -22.93
N LEU B 165 5.16 -21.90 -22.17
CA LEU B 165 5.91 -22.89 -21.39
C LEU B 165 6.43 -23.99 -22.32
N PRO B 166 7.60 -24.58 -21.98
CA PRO B 166 8.15 -25.68 -22.77
C PRO B 166 7.28 -26.94 -22.65
N ARG B 167 7.50 -27.89 -23.56
CA ARG B 167 6.74 -29.15 -23.59
C ARG B 167 6.88 -29.94 -22.28
N ARG B 168 8.12 -30.01 -21.77
CA ARG B 168 8.39 -30.65 -20.49
C ARG B 168 8.47 -29.60 -19.39
N SER B 169 7.30 -29.23 -18.86
CA SER B 169 7.21 -28.17 -17.85
C SER B 169 6.79 -28.71 -16.48
N GLY B 170 6.99 -30.00 -16.25
CA GLY B 170 6.67 -30.64 -14.97
C GLY B 170 5.19 -30.90 -14.78
N ALA B 171 4.83 -31.26 -13.55
CA ALA B 171 3.43 -31.55 -13.21
C ALA B 171 2.62 -30.26 -13.05
N ALA B 172 3.22 -29.24 -12.45
CA ALA B 172 2.57 -27.96 -12.22
C ALA B 172 2.33 -27.21 -13.54
N GLY B 173 3.28 -27.30 -14.46
CA GLY B 173 3.18 -26.68 -15.78
C GLY B 173 2.10 -27.32 -16.63
N ALA B 174 1.98 -28.65 -16.52
CA ALA B 174 0.95 -29.40 -17.23
C ALA B 174 -0.45 -29.05 -16.73
N ALA B 175 -0.57 -28.84 -15.42
CA ALA B 175 -1.84 -28.48 -14.78
C ALA B 175 -2.33 -27.08 -15.19
N VAL B 176 -1.38 -26.19 -15.45
CA VAL B 176 -1.69 -24.79 -15.77
C VAL B 176 -1.98 -24.58 -17.27
N LYS B 177 -1.49 -25.49 -18.11
CA LYS B 177 -1.70 -25.39 -19.56
C LYS B 177 -3.18 -25.47 -19.95
N GLY B 178 -3.60 -24.58 -20.85
CA GLY B 178 -4.98 -24.54 -21.32
C GLY B 178 -5.29 -25.62 -22.32
N VAL B 179 -6.58 -25.77 -22.65
CA VAL B 179 -7.04 -26.75 -23.63
C VAL B 179 -6.42 -26.49 -25.00
N GLY B 180 -6.44 -25.22 -25.42
CA GLY B 180 -5.86 -24.80 -26.70
C GLY B 180 -4.36 -25.02 -26.78
N THR B 181 -3.68 -24.86 -25.64
CA THR B 181 -2.24 -25.10 -25.52
C THR B 181 -1.91 -26.57 -25.82
N MET B 182 -2.68 -27.47 -25.22
CA MET B 182 -2.51 -28.91 -25.43
C MET B 182 -2.83 -29.30 -26.86
N VAL B 183 -3.85 -28.65 -27.43
CA VAL B 183 -4.26 -28.87 -28.83
C VAL B 183 -3.15 -28.44 -29.79
N MET B 184 -2.60 -27.24 -29.56
CA MET B 184 -1.50 -26.69 -30.37
C MET B 184 -0.25 -27.56 -30.30
N GLU B 185 0.02 -28.12 -29.12
CA GLU B 185 1.17 -29.00 -28.90
C GLU B 185 1.02 -30.34 -29.63
N LEU B 186 -0.20 -30.87 -29.66
CA LEU B 186 -0.48 -32.15 -30.30
C LEU B 186 -0.53 -32.05 -31.82
N ILE B 187 -1.03 -30.92 -32.32
CA ILE B 187 -1.06 -30.64 -33.77
C ILE B 187 0.37 -30.58 -34.35
N ARG B 188 1.26 -29.91 -33.62
CA ARG B 188 2.66 -29.78 -34.02
C ARG B 188 3.35 -31.14 -34.16
N MET B 189 2.94 -32.11 -33.33
CA MET B 189 3.44 -33.48 -33.42
C MET B 189 2.85 -34.21 -34.63
N ILE B 190 1.56 -33.97 -34.89
CA ILE B 190 0.86 -34.58 -36.01
C ILE B 190 1.39 -34.07 -37.36
N LYS B 191 1.74 -32.79 -37.41
CA LYS B 191 2.33 -32.18 -38.60
C LYS B 191 3.74 -32.72 -38.86
N ARG B 192 4.50 -32.92 -37.78
CA ARG B 192 5.85 -33.46 -37.86
C ARG B 192 5.81 -34.99 -37.85
N ARG B 207 9.08 -43.79 -27.53
CA ARG B 207 9.66 -42.52 -27.10
C ARG B 207 8.83 -41.33 -27.58
N THR B 208 8.65 -41.23 -28.90
CA THR B 208 7.88 -40.14 -29.50
C THR B 208 6.37 -40.33 -29.29
N ARG B 209 5.92 -41.58 -29.37
CA ARG B 209 4.51 -41.91 -29.12
C ARG B 209 4.20 -41.92 -27.62
N ILE B 210 5.20 -42.27 -26.81
CA ILE B 210 5.08 -42.28 -25.35
C ILE B 210 4.65 -40.92 -24.81
N ALA B 211 5.26 -39.86 -25.36
CA ALA B 211 4.90 -38.48 -25.01
C ALA B 211 3.55 -38.08 -25.59
N TYR B 212 3.24 -38.60 -26.78
CA TYR B 212 1.98 -38.32 -27.47
C TYR B 212 0.77 -38.85 -26.70
N GLU B 213 0.87 -40.08 -26.19
CA GLU B 213 -0.18 -40.69 -25.37
C GLU B 213 -0.29 -40.01 -24.01
N ARG B 214 0.84 -39.50 -23.51
CA ARG B 214 0.88 -38.78 -22.24
C ARG B 214 0.21 -37.41 -22.36
N MET B 215 0.47 -36.72 -23.46
CA MET B 215 -0.11 -35.41 -23.74
C MET B 215 -1.61 -35.49 -24.03
N CYS B 216 -2.03 -36.62 -24.62
CA CYS B 216 -3.44 -36.90 -24.84
C CYS B 216 -4.17 -37.17 -23.52
N ASN B 217 -3.46 -37.79 -22.58
CA ASN B 217 -3.99 -38.08 -21.25
C ASN B 217 -4.18 -36.83 -20.40
N ILE B 218 -3.31 -35.84 -20.60
CA ILE B 218 -3.41 -34.56 -19.93
C ILE B 218 -4.61 -33.76 -20.45
N LEU B 219 -4.82 -33.81 -21.77
CA LEU B 219 -5.94 -33.14 -22.41
C LEU B 219 -7.28 -33.77 -22.03
N LYS B 220 -7.31 -35.11 -22.00
CA LYS B 220 -8.51 -35.86 -21.62
C LYS B 220 -8.91 -35.58 -20.16
N GLY B 221 -7.90 -35.47 -19.29
CA GLY B 221 -8.12 -35.14 -17.89
C GLY B 221 -8.58 -33.72 -17.64
N LYS B 222 -8.52 -32.88 -18.68
CA LYS B 222 -8.96 -31.49 -18.59
C LYS B 222 -10.40 -31.29 -19.04
N PHE B 223 -10.85 -32.11 -19.99
CA PHE B 223 -12.24 -32.08 -20.41
C PHE B 223 -13.18 -32.65 -19.34
N GLN B 224 -14.24 -31.90 -19.04
CA GLN B 224 -15.17 -32.27 -17.97
C GLN B 224 -16.30 -33.19 -18.43
N THR B 225 -16.75 -32.99 -19.66
CA THR B 225 -17.84 -33.80 -20.23
C THR B 225 -17.34 -35.11 -20.82
N ALA B 226 -18.17 -36.14 -20.77
CA ALA B 226 -17.85 -37.47 -21.29
C ALA B 226 -17.75 -37.50 -22.81
N ALA B 227 -18.51 -36.62 -23.47
CA ALA B 227 -18.50 -36.51 -24.93
C ALA B 227 -17.18 -35.99 -25.49
N GLN B 228 -16.58 -35.05 -24.76
CA GLN B 228 -15.29 -34.48 -25.15
C GLN B 228 -14.13 -35.42 -24.83
N ARG B 229 -14.25 -36.14 -23.71
CA ARG B 229 -13.20 -37.07 -23.26
C ARG B 229 -13.09 -38.30 -24.17
N THR B 230 -14.23 -38.76 -24.69
CA THR B 230 -14.27 -39.90 -25.60
C THR B 230 -13.65 -39.59 -26.96
N MET B 231 -13.87 -38.36 -27.42
CA MET B 231 -13.32 -37.89 -28.70
C MET B 231 -11.80 -37.79 -28.67
N VAL B 232 -11.24 -37.52 -27.49
CA VAL B 232 -9.79 -37.51 -27.27
C VAL B 232 -9.23 -38.93 -27.33
N ASP B 233 -10.02 -39.90 -26.87
CA ASP B 233 -9.61 -41.31 -26.85
C ASP B 233 -9.43 -41.88 -28.26
N GLN B 234 -10.26 -41.42 -29.20
CA GLN B 234 -10.16 -41.82 -30.61
C GLN B 234 -8.90 -41.27 -31.26
N VAL B 235 -8.51 -40.06 -30.84
CA VAL B 235 -7.27 -39.43 -31.30
C VAL B 235 -6.05 -40.10 -30.66
N ARG B 236 -6.16 -40.42 -29.38
CA ARG B 236 -5.11 -41.09 -28.62
C ARG B 236 -4.81 -42.50 -29.15
N GLU B 237 -5.85 -43.29 -29.34
CA GLU B 237 -5.73 -44.66 -29.85
C GLU B 237 -5.62 -44.66 -31.37
N SER B 238 -4.61 -43.95 -31.89
CA SER B 238 -4.37 -43.84 -33.33
C SER B 238 -2.89 -43.72 -33.61
N ARG B 239 -2.33 -44.72 -34.30
CA ARG B 239 -0.93 -44.71 -34.71
C ARG B 239 -0.80 -43.98 -36.04
N ASN B 240 0.08 -42.98 -36.08
CA ASN B 240 0.25 -42.08 -37.23
C ASN B 240 -1.05 -41.33 -37.58
N PRO B 241 -1.32 -40.21 -36.87
CA PRO B 241 -2.51 -39.39 -37.13
C PRO B 241 -2.34 -38.53 -38.39
N GLY B 242 -3.47 -38.07 -38.93
CA GLY B 242 -3.46 -37.27 -40.15
C GLY B 242 -4.36 -36.05 -40.07
N ASN B 243 -5.09 -35.79 -41.16
CA ASN B 243 -6.01 -34.66 -41.24
C ASN B 243 -7.27 -34.86 -40.41
N ALA B 244 -7.65 -36.13 -40.21
CA ALA B 244 -8.84 -36.47 -39.42
C ALA B 244 -8.67 -36.13 -37.94
N GLU B 245 -7.54 -36.53 -37.37
CA GLU B 245 -7.20 -36.21 -35.98
C GLU B 245 -6.96 -34.71 -35.80
N PHE B 246 -6.36 -34.08 -36.81
CA PHE B 246 -6.13 -32.64 -36.82
C PHE B 246 -7.45 -31.85 -36.73
N GLU B 247 -8.44 -32.28 -37.50
CA GLU B 247 -9.76 -31.66 -37.50
C GLU B 247 -10.53 -31.93 -36.20
N ASP B 248 -10.24 -33.06 -35.57
CA ASP B 248 -10.81 -33.40 -34.26
C ASP B 248 -10.32 -32.45 -33.17
N LEU B 249 -9.02 -32.19 -33.17
CA LEU B 249 -8.39 -31.30 -32.18
C LEU B 249 -8.83 -29.85 -32.35
N ILE B 250 -9.05 -29.44 -33.61
CA ILE B 250 -9.61 -28.12 -33.91
C ILE B 250 -11.05 -28.00 -33.38
N PHE B 251 -11.83 -29.07 -33.57
CA PHE B 251 -13.22 -29.12 -33.09
C PHE B 251 -13.30 -29.15 -31.57
N LEU B 252 -12.43 -29.95 -30.95
CA LEU B 252 -12.36 -30.04 -29.48
C LEU B 252 -11.93 -28.72 -28.84
N ALA B 253 -11.07 -27.98 -29.53
CA ALA B 253 -10.66 -26.64 -29.10
C ALA B 253 -11.82 -25.65 -29.21
N ARG B 254 -12.58 -25.76 -30.30
CA ARG B 254 -13.79 -24.94 -30.51
C ARG B 254 -14.83 -25.17 -29.41
N SER B 255 -15.00 -26.43 -29.02
CA SER B 255 -15.96 -26.80 -27.99
C SER B 255 -15.54 -26.31 -26.61
N ALA B 256 -14.24 -26.13 -26.42
CA ALA B 256 -13.69 -25.64 -25.15
C ALA B 256 -13.97 -24.16 -24.91
N LEU B 257 -14.47 -23.47 -25.93
CA LEU B 257 -14.89 -22.08 -25.80
C LEU B 257 -16.23 -21.98 -25.07
N ILE B 258 -17.02 -23.05 -25.12
CA ILE B 258 -18.32 -23.11 -24.47
C ILE B 258 -18.31 -24.16 -23.35
N LEU B 259 -17.99 -25.40 -23.70
CA LEU B 259 -17.83 -26.47 -22.73
C LEU B 259 -16.37 -26.47 -22.24
N ARG B 260 -16.06 -25.49 -21.41
CA ARG B 260 -14.69 -25.20 -20.99
C ARG B 260 -14.01 -26.34 -20.23
N GLY B 261 -12.73 -26.53 -20.51
CA GLY B 261 -11.93 -27.54 -19.82
C GLY B 261 -11.46 -27.07 -18.45
N SER B 262 -11.08 -28.03 -17.62
CA SER B 262 -10.62 -27.76 -16.26
C SER B 262 -9.14 -27.41 -16.22
N VAL B 263 -8.85 -26.12 -16.22
CA VAL B 263 -7.48 -25.61 -16.22
C VAL B 263 -7.15 -25.04 -14.84
N ALA B 264 -6.00 -25.45 -14.28
CA ALA B 264 -5.58 -24.97 -12.98
C ALA B 264 -5.08 -23.52 -13.04
N HIS B 265 -5.31 -22.77 -11.97
CA HIS B 265 -4.84 -21.41 -11.86
C HIS B 265 -4.02 -21.25 -10.59
N LYS B 266 -2.79 -20.76 -10.76
CA LYS B 266 -1.85 -20.63 -9.65
C LYS B 266 -1.30 -19.21 -9.59
N SER B 267 -1.42 -18.58 -8.43
CA SER B 267 -0.80 -17.29 -8.21
C SER B 267 0.71 -17.46 -8.00
N CYS B 268 1.48 -17.01 -8.99
CA CYS B 268 2.93 -17.12 -8.98
C CYS B 268 3.53 -15.72 -9.11
N LEU B 269 4.25 -15.31 -8.08
CA LEU B 269 4.71 -13.93 -7.95
C LEU B 269 6.18 -13.79 -8.36
N PRO B 270 6.60 -12.58 -8.76
CA PRO B 270 8.04 -12.36 -9.02
C PRO B 270 8.88 -12.75 -7.81
N ALA B 271 10.06 -13.30 -8.08
CA ALA B 271 10.97 -13.81 -7.04
C ALA B 271 11.32 -12.79 -5.95
N CYS B 272 11.31 -11.50 -6.31
CA CYS B 272 11.63 -10.42 -5.36
C CYS B 272 10.63 -10.32 -4.21
N VAL B 273 9.37 -10.64 -4.51
CA VAL B 273 8.31 -10.69 -3.49
C VAL B 273 8.65 -11.75 -2.44
N TYR B 274 9.06 -12.93 -2.90
CA TYR B 274 9.42 -14.03 -2.01
C TYR B 274 10.73 -13.73 -1.27
N GLY B 275 11.68 -13.13 -1.97
CA GLY B 275 12.97 -12.74 -1.39
C GLY B 275 12.83 -11.77 -0.23
N SER B 276 12.03 -10.72 -0.43
CA SER B 276 11.80 -9.69 0.59
C SER B 276 11.06 -10.22 1.81
N ALA B 277 10.09 -11.10 1.58
CA ALA B 277 9.33 -11.72 2.67
C ALA B 277 10.24 -12.58 3.55
N VAL B 278 11.03 -13.45 2.93
CA VAL B 278 12.03 -14.27 3.63
C VAL B 278 13.01 -13.37 4.40
N ALA B 279 13.52 -12.33 3.73
CA ALA B 279 14.47 -11.40 4.34
C ALA B 279 13.87 -10.58 5.48
N SER B 280 12.57 -10.28 5.38
CA SER B 280 11.88 -9.50 6.39
C SER B 280 11.43 -10.32 7.59
N GLY B 281 11.52 -11.65 7.48
CA GLY B 281 11.25 -12.55 8.59
C GLY B 281 10.02 -13.42 8.45
N TYR B 282 9.60 -13.68 7.21
CA TYR B 282 8.51 -14.63 6.97
C TYR B 282 9.08 -16.00 6.61
N ASP B 283 8.72 -17.00 7.41
CA ASP B 283 9.18 -18.37 7.20
C ASP B 283 8.07 -19.19 6.57
N PHE B 284 8.10 -19.29 5.23
CA PHE B 284 7.07 -19.99 4.47
C PHE B 284 6.99 -21.48 4.79
N GLU B 285 8.10 -22.06 5.24
CA GLU B 285 8.13 -23.49 5.60
C GLU B 285 7.31 -23.73 6.87
N ARG B 286 7.49 -22.88 7.87
CA ARG B 286 6.78 -22.97 9.14
C ARG B 286 5.36 -22.45 9.06
N GLU B 287 5.15 -21.36 8.31
CA GLU B 287 3.82 -20.76 8.16
C GLU B 287 2.97 -21.56 7.17
N GLY B 288 3.64 -22.25 6.24
CA GLY B 288 2.97 -22.90 5.12
C GLY B 288 2.69 -21.89 4.02
N TYR B 289 2.27 -22.39 2.86
CA TYR B 289 1.90 -21.52 1.75
C TYR B 289 0.92 -22.20 0.81
N SER B 290 0.13 -21.38 0.13
CA SER B 290 -0.84 -21.83 -0.86
C SER B 290 -0.72 -20.96 -2.10
N LEU B 291 -0.92 -21.57 -3.27
CA LEU B 291 -0.91 -20.83 -4.53
C LEU B 291 -2.32 -20.48 -4.97
N VAL B 292 -3.31 -21.13 -4.35
CA VAL B 292 -4.72 -20.99 -4.73
C VAL B 292 -5.58 -20.36 -3.62
N GLY B 293 -5.01 -20.25 -2.43
CA GLY B 293 -5.74 -19.73 -1.26
C GLY B 293 -5.56 -18.24 -1.02
N ILE B 294 -5.62 -17.85 0.25
CA ILE B 294 -5.50 -16.45 0.65
C ILE B 294 -4.04 -15.98 0.66
N ASP B 295 -3.12 -16.93 0.78
CA ASP B 295 -1.69 -16.67 0.99
C ASP B 295 -1.05 -15.62 0.06
N PRO B 296 -1.17 -15.80 -1.28
CA PRO B 296 -0.54 -14.83 -2.19
C PRO B 296 -1.13 -13.44 -2.10
N PHE B 297 -2.45 -13.37 -1.90
CA PHE B 297 -3.14 -12.10 -1.70
C PHE B 297 -2.58 -11.36 -0.48
N ARG B 298 -2.50 -12.08 0.64
CA ARG B 298 -1.96 -11.53 1.89
C ARG B 298 -0.49 -11.15 1.79
N LEU B 299 0.27 -11.90 0.99
CA LEU B 299 1.66 -11.58 0.73
C LEU B 299 1.80 -10.28 -0.08
N LEU B 300 0.95 -10.10 -1.08
CA LEU B 300 0.96 -8.88 -1.90
C LEU B 300 0.43 -7.66 -1.14
N GLN B 301 -0.45 -7.89 -0.16
CA GLN B 301 -0.89 -6.84 0.77
C GLN B 301 0.28 -6.39 1.63
N ASN B 302 1.25 -7.29 1.81
CA ASN B 302 2.42 -7.04 2.64
C ASN B 302 3.72 -6.88 1.85
N SER B 303 3.59 -6.55 0.56
CA SER B 303 4.74 -6.40 -0.33
C SER B 303 4.74 -5.06 -1.05
N GLN B 304 5.91 -4.61 -1.47
CA GLN B 304 6.05 -3.41 -2.27
C GLN B 304 7.01 -3.66 -3.44
N VAL B 305 6.43 -3.81 -4.63
CA VAL B 305 7.20 -4.07 -5.85
C VAL B 305 7.27 -2.80 -6.71
N TYR B 306 8.41 -2.62 -7.38
CA TYR B 306 8.63 -1.46 -8.23
C TYR B 306 8.75 -1.85 -9.70
N SER B 307 8.52 -0.88 -10.57
CA SER B 307 8.68 -1.06 -12.01
C SER B 307 9.21 0.20 -12.66
N LEU B 308 10.02 0.02 -13.68
CA LEU B 308 10.46 1.14 -14.51
C LEU B 308 9.31 1.57 -15.40
N ILE B 309 9.14 2.88 -15.55
CA ILE B 309 8.02 3.46 -16.28
C ILE B 309 8.53 4.34 -17.41
N ARG B 310 7.97 4.14 -18.60
CA ARG B 310 8.28 4.94 -19.78
C ARG B 310 7.51 6.26 -19.70
N PRO B 311 7.94 7.28 -20.49
CA PRO B 311 7.17 8.52 -20.54
C PRO B 311 5.79 8.32 -21.17
N ASN B 312 4.77 8.98 -20.61
CA ASN B 312 3.37 8.86 -21.06
C ASN B 312 2.66 7.56 -20.64
N GLU B 313 3.38 6.66 -20.00
CA GLU B 313 2.78 5.43 -19.45
C GLU B 313 2.09 5.71 -18.12
N ASN B 314 0.90 5.13 -17.95
CA ASN B 314 0.15 5.23 -16.71
C ASN B 314 0.55 4.10 -15.75
N PRO B 315 1.21 4.46 -14.62
CA PRO B 315 1.68 3.47 -13.64
C PRO B 315 0.57 2.60 -13.04
N ALA B 316 -0.66 3.10 -13.06
CA ALA B 316 -1.83 2.34 -12.60
C ALA B 316 -2.20 1.23 -13.57
N HIS B 317 -1.98 1.46 -14.86
CA HIS B 317 -2.22 0.45 -15.89
C HIS B 317 -1.09 -0.57 -15.97
N LYS B 318 0.12 -0.12 -15.64
CA LYS B 318 1.25 -1.02 -15.47
C LYS B 318 0.98 -1.95 -14.29
N SER B 319 0.49 -1.37 -13.19
CA SER B 319 0.11 -2.11 -11.99
C SER B 319 -0.97 -3.13 -12.28
N GLN B 320 -1.94 -2.76 -13.12
CA GLN B 320 -3.03 -3.65 -13.49
C GLN B 320 -2.51 -4.89 -14.21
N LEU B 321 -1.63 -4.68 -15.19
CA LEU B 321 -1.03 -5.75 -15.98
C LEU B 321 -0.31 -6.78 -15.10
N VAL B 322 0.53 -6.28 -14.19
CA VAL B 322 1.30 -7.13 -13.27
C VAL B 322 0.36 -7.86 -12.30
N TRP B 323 -0.68 -7.16 -11.84
CA TRP B 323 -1.70 -7.75 -10.96
C TRP B 323 -2.38 -8.96 -11.60
N MET B 324 -2.87 -8.78 -12.83
CA MET B 324 -3.51 -9.86 -13.59
C MET B 324 -2.57 -11.05 -13.80
N ALA B 325 -1.30 -10.75 -14.03
CA ALA B 325 -0.25 -11.75 -14.20
C ALA B 325 -0.03 -12.54 -12.91
N CYS B 326 0.04 -11.82 -11.79
CA CYS B 326 0.26 -12.40 -10.48
C CYS B 326 -0.80 -13.41 -10.08
N HIS B 327 -2.04 -13.19 -10.52
CA HIS B 327 -3.16 -14.06 -10.18
C HIS B 327 -3.72 -14.86 -11.36
N SER B 328 -2.98 -14.83 -12.48
CA SER B 328 -3.30 -15.61 -13.68
C SER B 328 -4.70 -15.29 -14.23
N ALA B 329 -5.04 -14.01 -14.25
CA ALA B 329 -6.38 -13.55 -14.60
C ALA B 329 -6.47 -12.89 -15.97
N ALA B 330 -5.56 -13.27 -16.86
CA ALA B 330 -5.50 -12.71 -18.23
C ALA B 330 -6.76 -12.98 -19.05
N PHE B 331 -7.30 -14.19 -18.92
CA PHE B 331 -8.47 -14.61 -19.71
C PHE B 331 -9.75 -14.64 -18.88
N GLU B 332 -9.67 -14.08 -17.67
CA GLU B 332 -10.81 -13.99 -16.76
C GLU B 332 -11.70 -12.80 -17.10
N ASP B 333 -12.98 -12.93 -16.76
CA ASP B 333 -13.96 -11.86 -16.90
C ASP B 333 -13.48 -10.60 -16.18
N LEU B 334 -13.52 -9.48 -16.89
CA LEU B 334 -13.06 -8.19 -16.36
C LEU B 334 -13.91 -7.66 -15.22
N ARG B 335 -15.18 -8.08 -15.19
CA ARG B 335 -16.09 -7.70 -14.09
C ARG B 335 -15.68 -8.41 -12.80
N VAL B 336 -15.34 -9.68 -12.92
CA VAL B 336 -14.87 -10.51 -11.80
C VAL B 336 -13.56 -9.95 -11.25
N SER B 337 -12.61 -9.67 -12.15
CA SER B 337 -11.32 -9.11 -11.79
C SER B 337 -11.44 -7.74 -11.11
N SER B 338 -12.32 -6.89 -11.64
CA SER B 338 -12.55 -5.55 -11.11
C SER B 338 -13.15 -5.56 -9.70
N PHE B 339 -14.14 -6.42 -9.48
CA PHE B 339 -14.80 -6.55 -8.18
C PHE B 339 -13.82 -6.98 -7.09
N ILE B 340 -12.96 -7.94 -7.41
CA ILE B 340 -11.91 -8.42 -6.51
C ILE B 340 -10.87 -7.33 -6.23
N ARG B 341 -10.43 -6.66 -7.29
CA ARG B 341 -9.35 -5.67 -7.23
C ARG B 341 -9.74 -4.41 -6.45
N GLY B 342 -10.95 -3.91 -6.69
CA GLY B 342 -11.42 -2.69 -6.04
C GLY B 342 -11.60 -1.55 -7.05
N THR B 343 -10.67 -1.46 -7.99
CA THR B 343 -10.76 -0.50 -9.09
C THR B 343 -10.98 -1.23 -10.41
N LYS B 344 -11.32 -0.48 -11.46
CA LYS B 344 -11.67 -1.06 -12.76
C LYS B 344 -10.49 -1.76 -13.43
N VAL B 345 -10.74 -2.98 -13.90
CA VAL B 345 -9.76 -3.71 -14.71
C VAL B 345 -10.07 -3.46 -16.18
N VAL B 346 -9.31 -2.54 -16.76
CA VAL B 346 -9.52 -2.04 -18.11
C VAL B 346 -8.99 -3.04 -19.15
N PRO B 347 -9.69 -3.18 -20.30
CA PRO B 347 -9.21 -4.04 -21.41
C PRO B 347 -7.83 -3.65 -21.92
N ARG B 348 -7.15 -4.58 -22.59
CA ARG B 348 -5.78 -4.37 -23.07
C ARG B 348 -5.62 -3.20 -24.04
N GLY B 349 -6.63 -2.99 -24.89
CA GLY B 349 -6.61 -1.92 -25.89
C GLY B 349 -6.67 -0.52 -25.30
N LYS B 350 -7.39 -0.38 -24.18
CA LYS B 350 -7.55 0.92 -23.52
C LYS B 350 -6.53 1.11 -22.38
N LEU B 351 -5.54 0.23 -22.34
CA LEU B 351 -4.51 0.26 -21.32
C LEU B 351 -3.32 1.08 -21.80
N SER B 352 -2.97 2.13 -21.05
CA SER B 352 -1.91 3.06 -21.43
C SER B 352 -0.53 2.61 -20.94
N THR B 353 -0.16 1.38 -21.26
CA THR B 353 1.16 0.81 -20.93
C THR B 353 1.61 -0.12 -22.06
N ARG B 354 2.90 -0.41 -22.14
CA ARG B 354 3.46 -1.18 -23.26
C ARG B 354 4.00 -2.57 -22.94
N GLY B 355 4.38 -2.78 -21.68
CA GLY B 355 4.99 -4.05 -21.28
C GLY B 355 6.06 -3.87 -20.23
N VAL B 356 6.19 -4.87 -19.35
CA VAL B 356 7.08 -4.80 -18.20
C VAL B 356 8.56 -4.73 -18.59
N GLN B 357 9.00 -5.67 -19.42
CA GLN B 357 10.40 -5.74 -19.84
C GLN B 357 10.77 -4.57 -20.74
N ILE B 358 11.98 -4.06 -20.55
CA ILE B 358 12.48 -2.92 -21.31
C ILE B 358 13.54 -3.36 -22.31
N ALA B 359 13.27 -3.07 -23.58
CA ALA B 359 14.15 -3.45 -24.69
C ALA B 359 15.49 -2.72 -24.64
N SER B 360 16.48 -3.29 -25.32
CA SER B 360 17.86 -2.80 -25.28
C SER B 360 18.05 -1.46 -25.99
N ASN B 361 17.14 -1.13 -26.91
CA ASN B 361 17.22 0.11 -27.67
C ASN B 361 16.56 1.31 -26.98
N GLU B 362 15.95 1.07 -25.83
CA GLU B 362 15.21 2.10 -25.10
C GLU B 362 16.13 3.07 -24.36
N ASN B 363 15.70 4.32 -24.27
CA ASN B 363 16.47 5.38 -23.61
C ASN B 363 16.25 5.36 -22.10
N MET B 364 17.33 5.09 -21.37
CA MET B 364 17.28 4.99 -19.91
C MET B 364 17.16 6.35 -19.20
N GLU B 365 17.54 7.42 -19.90
CA GLU B 365 17.46 8.78 -19.36
C GLU B 365 16.01 9.25 -19.17
N THR B 366 15.10 8.69 -19.96
CA THR B 366 13.68 9.00 -19.88
C THR B 366 12.93 8.12 -18.88
N MET B 367 13.63 7.14 -18.31
CA MET B 367 13.02 6.15 -17.41
C MET B 367 12.88 6.64 -15.97
N GLU B 368 11.71 6.38 -15.41
CA GLU B 368 11.43 6.61 -14.00
C GLU B 368 10.98 5.32 -13.34
N SER B 369 11.12 5.24 -12.02
CA SER B 369 10.61 4.09 -11.26
C SER B 369 9.41 4.47 -10.42
N SER B 370 8.43 3.58 -10.41
CA SER B 370 7.21 3.77 -9.61
C SER B 370 6.81 2.50 -8.88
N THR B 371 6.09 2.68 -7.77
CA THR B 371 5.49 1.58 -7.03
C THR B 371 4.43 0.90 -7.87
N LEU B 372 4.34 -0.42 -7.77
CA LEU B 372 3.26 -1.18 -8.40
C LEU B 372 2.17 -1.46 -7.37
N GLU B 373 0.95 -1.03 -7.66
CA GLU B 373 -0.19 -1.33 -6.81
C GLU B 373 -0.72 -2.71 -7.15
N LEU B 374 -0.32 -3.69 -6.34
CA LEU B 374 -0.68 -5.08 -6.57
C LEU B 374 -1.64 -5.60 -5.49
N ARG B 375 -2.07 -4.69 -4.62
CA ARG B 375 -3.05 -5.00 -3.57
C ARG B 375 -4.44 -5.28 -4.18
N SER B 376 -5.35 -5.75 -3.35
CA SER B 376 -6.69 -6.13 -3.79
C SER B 376 -7.70 -5.92 -2.66
N ARG B 377 -8.90 -5.48 -3.02
CA ARG B 377 -9.98 -5.24 -2.06
C ARG B 377 -10.46 -6.56 -1.43
N TYR B 378 -10.72 -7.54 -2.29
CA TYR B 378 -11.13 -8.87 -1.85
C TYR B 378 -10.12 -9.93 -2.32
N TRP B 379 -10.26 -11.15 -1.80
CA TRP B 379 -9.55 -12.30 -2.36
C TRP B 379 -10.55 -13.39 -2.77
N ALA B 380 -10.12 -14.25 -3.68
CA ALA B 380 -10.94 -15.37 -4.13
C ALA B 380 -10.05 -16.56 -4.46
N ILE B 381 -10.56 -17.76 -4.20
CA ILE B 381 -9.85 -18.99 -4.52
C ILE B 381 -9.65 -19.09 -6.04
N ARG B 382 -8.44 -19.41 -6.46
CA ARG B 382 -8.17 -19.67 -7.86
C ARG B 382 -8.67 -21.06 -8.21
N THR B 383 -9.49 -21.12 -9.25
CA THR B 383 -10.21 -22.35 -9.59
C THR B 383 -9.44 -23.28 -10.51
N ARG B 384 -9.75 -24.56 -10.39
CA ARG B 384 -9.25 -25.61 -11.25
C ARG B 384 -10.33 -25.93 -12.28
N SER B 385 -11.56 -25.49 -12.00
CA SER B 385 -12.73 -25.82 -12.81
C SER B 385 -12.96 -24.83 -13.95
N GLY B 386 -13.45 -25.34 -15.07
CA GLY B 386 -13.76 -24.52 -16.24
C GLY B 386 -15.24 -24.50 -16.57
N SER B 395 -27.79 -32.37 -5.57
CA SER B 395 -28.62 -31.25 -5.14
C SER B 395 -30.09 -31.64 -5.12
N SER B 396 -30.79 -31.24 -4.05
CA SER B 396 -32.20 -31.57 -3.88
C SER B 396 -33.08 -30.31 -3.73
N GLY B 397 -32.49 -29.15 -3.97
CA GLY B 397 -33.18 -27.88 -3.82
C GLY B 397 -34.23 -27.60 -4.87
N GLN B 398 -34.97 -26.52 -4.67
CA GLN B 398 -35.99 -26.06 -5.63
C GLN B 398 -35.33 -25.69 -6.96
N ILE B 399 -35.84 -26.26 -8.04
CA ILE B 399 -35.22 -26.12 -9.36
C ILE B 399 -36.04 -25.25 -10.33
N SER B 400 -37.32 -25.09 -10.02
CA SER B 400 -38.23 -24.30 -10.85
C SER B 400 -39.17 -23.45 -9.99
N ILE B 401 -39.90 -22.56 -10.64
CA ILE B 401 -40.87 -21.70 -9.97
C ILE B 401 -42.26 -21.88 -10.56
N GLN B 402 -43.23 -22.20 -9.71
CA GLN B 402 -44.63 -22.22 -10.11
C GLN B 402 -45.27 -20.91 -9.70
N PRO B 403 -45.78 -20.13 -10.68
CA PRO B 403 -46.34 -18.81 -10.43
C PRO B 403 -47.56 -18.84 -9.50
N THR B 404 -47.60 -17.90 -8.56
CA THR B 404 -48.71 -17.78 -7.62
C THR B 404 -49.54 -16.55 -7.96
N PHE B 405 -48.87 -15.46 -8.29
CA PHE B 405 -49.52 -14.19 -8.57
C PHE B 405 -49.50 -13.85 -10.06
N SER B 406 -50.56 -13.17 -10.50
CA SER B 406 -50.67 -12.71 -11.89
C SER B 406 -49.91 -11.38 -12.05
N VAL B 407 -48.59 -11.49 -12.20
CA VAL B 407 -47.71 -10.33 -12.37
C VAL B 407 -46.74 -10.60 -13.51
N GLN B 408 -46.43 -9.56 -14.29
CA GLN B 408 -45.52 -9.67 -15.43
C GLN B 408 -44.07 -9.88 -14.99
N ARG B 409 -43.51 -11.02 -15.39
CA ARG B 409 -42.12 -11.37 -15.11
C ARG B 409 -41.72 -12.62 -15.89
N ASN B 410 -40.43 -12.90 -15.92
CA ASN B 410 -39.93 -14.17 -16.42
C ASN B 410 -40.19 -15.26 -15.38
N LEU B 411 -40.35 -16.51 -15.84
CA LEU B 411 -40.54 -17.64 -14.94
C LEU B 411 -39.27 -18.48 -14.88
N PRO B 412 -38.42 -18.23 -13.88
CA PRO B 412 -37.09 -18.84 -13.78
C PRO B 412 -37.10 -20.34 -13.53
N PHE B 413 -36.21 -21.04 -14.22
CA PHE B 413 -35.95 -22.46 -14.00
C PHE B 413 -34.49 -22.76 -14.34
N ASP B 414 -33.85 -23.59 -13.52
CA ASP B 414 -32.47 -24.00 -13.77
C ASP B 414 -32.41 -24.97 -14.96
N ARG B 415 -32.22 -24.40 -16.14
CA ARG B 415 -32.30 -25.11 -17.42
C ARG B 415 -31.20 -26.16 -17.65
N PRO B 416 -29.92 -25.82 -17.33
CA PRO B 416 -28.86 -26.82 -17.50
C PRO B 416 -29.04 -28.09 -16.66
N THR B 417 -29.74 -27.98 -15.54
CA THR B 417 -29.96 -29.11 -14.63
C THR B 417 -31.20 -29.93 -15.01
N ILE B 418 -32.23 -29.26 -15.52
CA ILE B 418 -33.48 -29.92 -15.93
C ILE B 418 -33.30 -30.64 -17.27
N MET B 419 -32.72 -29.95 -18.25
CA MET B 419 -32.57 -30.47 -19.61
C MET B 419 -31.57 -31.62 -19.71
N ALA B 420 -30.58 -31.64 -18.81
CA ALA B 420 -29.62 -32.73 -18.73
C ALA B 420 -30.21 -33.94 -17.98
N ALA B 421 -31.38 -34.38 -18.45
CA ALA B 421 -32.09 -35.51 -17.86
C ALA B 421 -32.95 -36.21 -18.90
N ARG B 434 -18.95 -36.09 -31.38
CA ARG B 434 -19.00 -35.02 -32.37
C ARG B 434 -20.42 -34.47 -32.54
N THR B 435 -21.39 -35.37 -32.64
CA THR B 435 -22.79 -34.99 -32.76
C THR B 435 -23.37 -34.50 -31.44
N GLU B 436 -23.00 -35.17 -30.35
CA GLU B 436 -23.44 -34.81 -29.00
C GLU B 436 -22.78 -33.53 -28.51
N ILE B 437 -21.57 -33.26 -28.99
CA ILE B 437 -20.82 -32.07 -28.62
C ILE B 437 -21.44 -30.78 -29.17
N ILE B 438 -21.95 -30.86 -30.40
CA ILE B 438 -22.63 -29.72 -31.04
C ILE B 438 -23.98 -29.42 -30.39
N ARG B 439 -24.63 -30.48 -29.88
CA ARG B 439 -25.91 -30.34 -29.19
C ARG B 439 -25.75 -29.68 -27.82
N LEU B 440 -24.66 -30.01 -27.13
CA LEU B 440 -24.35 -29.43 -25.82
C LEU B 440 -23.91 -27.97 -25.92
N MET B 441 -23.24 -27.63 -27.02
CA MET B 441 -22.75 -26.27 -27.27
C MET B 441 -23.87 -25.27 -27.53
N GLU B 442 -24.85 -25.68 -28.35
CA GLU B 442 -26.00 -24.83 -28.69
C GLU B 442 -26.98 -24.70 -27.53
N SER B 443 -27.08 -25.76 -26.73
CA SER B 443 -27.94 -25.77 -25.55
C SER B 443 -27.42 -24.83 -24.46
N ALA B 444 -26.10 -24.84 -24.26
CA ALA B 444 -25.45 -23.97 -23.28
C ALA B 444 -25.58 -22.50 -23.66
N ARG B 445 -25.76 -21.65 -22.65
CA ARG B 445 -25.99 -20.23 -22.85
C ARG B 445 -24.96 -19.36 -22.13
N PRO B 446 -24.61 -18.20 -22.72
CA PRO B 446 -23.70 -17.22 -22.09
C PRO B 446 -24.18 -16.71 -20.73
N GLU B 447 -25.48 -16.83 -20.46
CA GLU B 447 -26.08 -16.33 -19.23
C GLU B 447 -26.24 -17.41 -18.14
N ASP B 448 -25.91 -18.66 -18.48
CA ASP B 448 -25.94 -19.77 -17.53
C ASP B 448 -24.93 -19.55 -16.41
N VAL B 449 -25.39 -19.63 -15.17
CA VAL B 449 -24.55 -19.37 -14.00
C VAL B 449 -23.70 -20.58 -13.59
N SER B 450 -22.43 -20.32 -13.30
CA SER B 450 -21.51 -21.34 -12.80
C SER B 450 -20.97 -20.95 -11.43
N PHE B 451 -20.27 -21.88 -10.78
CA PHE B 451 -19.72 -21.69 -9.43
C PHE B 451 -20.79 -21.27 -8.42
N GLN B 452 -21.91 -22.01 -8.41
CA GLN B 452 -23.10 -21.68 -7.62
C GLN B 452 -22.81 -21.56 -6.13
N GLY B 453 -23.24 -20.45 -5.54
CA GLY B 453 -23.08 -20.21 -4.11
C GLY B 453 -21.74 -19.64 -3.67
N ARG B 454 -20.71 -19.85 -4.50
CA ARG B 454 -19.34 -19.42 -4.20
C ARG B 454 -19.13 -17.93 -4.50
N GLY B 455 -18.42 -17.25 -3.61
CA GLY B 455 -18.16 -15.82 -3.77
C GLY B 455 -16.77 -15.41 -3.34
N VAL B 456 -16.53 -14.09 -3.31
CA VAL B 456 -15.25 -13.54 -2.87
C VAL B 456 -15.20 -13.44 -1.34
N PHE B 457 -14.01 -13.19 -0.80
CA PHE B 457 -13.83 -13.09 0.65
C PHE B 457 -13.09 -11.81 1.03
N GLU B 458 -13.35 -11.34 2.24
CA GLU B 458 -12.61 -10.22 2.83
C GLU B 458 -11.20 -10.68 3.17
N LEU B 459 -10.24 -9.74 3.13
CA LEU B 459 -8.84 -10.05 3.43
C LEU B 459 -8.66 -10.54 4.86
N SER B 460 -9.49 -10.05 5.77
CA SER B 460 -9.46 -10.45 7.18
C SER B 460 -10.07 -11.83 7.40
N ASP B 461 -10.80 -12.33 6.41
CA ASP B 461 -11.42 -13.66 6.46
C ASP B 461 -10.43 -14.74 6.02
N GLU B 462 -9.56 -15.15 6.95
CA GLU B 462 -8.50 -16.13 6.68
C GLU B 462 -9.06 -17.50 6.33
N LYS B 463 -10.07 -17.93 7.10
CA LYS B 463 -10.78 -19.17 6.83
C LYS B 463 -12.00 -18.84 5.99
N ALA B 464 -12.06 -19.40 4.79
CA ALA B 464 -13.11 -19.07 3.81
C ALA B 464 -14.52 -19.41 4.31
N THR B 465 -15.04 -18.56 5.19
CA THR B 465 -16.28 -18.83 5.92
C THR B 465 -17.50 -18.18 5.25
N SER B 466 -17.43 -16.88 5.03
CA SER B 466 -18.56 -16.13 4.49
C SER B 466 -18.26 -15.54 3.11
N PRO B 467 -18.71 -16.21 2.04
CA PRO B 467 -18.49 -15.72 0.67
C PRO B 467 -19.42 -14.57 0.30
N ILE B 468 -18.92 -13.66 -0.54
CA ILE B 468 -19.69 -12.51 -1.01
C ILE B 468 -19.99 -12.67 -2.51
N VAL B 469 -21.25 -12.96 -2.81
CA VAL B 469 -21.69 -13.16 -4.19
C VAL B 469 -22.02 -11.81 -4.85
N PRO B 470 -21.30 -11.45 -5.92
CA PRO B 470 -21.48 -10.16 -6.59
C PRO B 470 -22.73 -10.11 -7.48
N SER B 471 -23.16 -8.90 -7.80
CA SER B 471 -24.32 -8.67 -8.67
C SER B 471 -23.93 -7.89 -9.92
N SER B 479 -15.88 -7.37 -20.58
CA SER B 479 -15.60 -8.67 -19.98
C SER B 479 -14.34 -9.35 -20.52
N TYR B 480 -14.05 -9.11 -21.80
CA TYR B 480 -12.85 -9.69 -22.44
C TYR B 480 -11.67 -8.72 -22.40
N PHE B 481 -10.54 -9.20 -21.90
CA PHE B 481 -9.32 -8.39 -21.83
C PHE B 481 -8.72 -8.15 -23.22
N PHE B 482 -8.75 -9.18 -24.06
CA PHE B 482 -8.24 -9.08 -25.43
C PHE B 482 -9.36 -8.96 -26.47
N GLY B 483 -10.51 -8.43 -26.03
CA GLY B 483 -11.68 -8.29 -26.90
C GLY B 483 -11.53 -7.24 -27.98
#